data_2ZAH
#
_entry.id   2ZAH
#
_cell.length_a   375.004
_cell.length_b   375.004
_cell.length_c   375.004
_cell.angle_alpha   90.00
_cell.angle_beta   90.00
_cell.angle_gamma   90.00
#
_symmetry.space_group_name_H-M   'I 2 3'
#
loop_
_entity.id
_entity.type
_entity.pdbx_description
1 polymer 'Coat protein'
2 non-polymer 'CALCIUM ION'
3 non-polymer 'UNKNOWN ATOM OR ION'
4 water water
#
_entity_poly.entity_id   1
_entity_poly.type   'polypeptide(L)'
_entity_poly.pdbx_seq_one_letter_code
;NISYTEGAKPGAISAPVAISRRVAGMKPRFVRSEGSVKIVHREFIASVLPSNDLTVNNGDVNIGKYRVNPSNNALFTWLQ
GQAQLYDMYRFTRLRFTYIPTTGSTSTGRVSILWDRDSQDPLPIDRAAISSYAHYADSAPWAENVLVVPCDNTWRYMNDT
NAVDRKLVDFGQFLFATYSGAGATAHGDLYVEYAVEFKDPQPIAGMVCMFDRLVSFSEVGSTIKGVNYIADRDVITTGGN
IGVNINIPGTYLVTIVLNATSIGSLTFTGNSKLVGNSLNVTSSGASALTFTLNSTGVPNSSNSSFSVGTVVALTRVRMTI
TRCSPETAYLA
;
_entity_poly.pdbx_strand_id   A,B,C
#
loop_
_chem_comp.id
_chem_comp.type
_chem_comp.name
_chem_comp.formula
CA non-polymer 'CALCIUM ION' 'Ca 2'
UNX non-polymer 'UNKNOWN ATOM OR ION' ?
#
# COMPACT_ATOMS: atom_id res chain seq x y z
N SER A 36 -26.26 -9.09 3.69
CA SER A 36 -25.86 -8.44 2.40
C SER A 36 -27.00 -7.61 1.71
N VAL A 37 -26.69 -6.36 1.38
CA VAL A 37 -27.64 -5.42 0.80
C VAL A 37 -27.41 -5.32 -0.70
N LYS A 38 -28.46 -5.58 -1.48
CA LYS A 38 -28.34 -5.63 -2.95
C LYS A 38 -28.89 -4.39 -3.63
N ILE A 39 -28.01 -3.62 -4.26
CA ILE A 39 -28.37 -2.34 -4.87
C ILE A 39 -28.30 -2.44 -6.39
N VAL A 40 -29.30 -1.89 -7.07
CA VAL A 40 -29.34 -1.86 -8.52
C VAL A 40 -29.58 -0.41 -8.94
N HIS A 41 -28.77 0.09 -9.87
CA HIS A 41 -28.89 1.49 -10.29
C HIS A 41 -28.15 1.77 -11.58
N ARG A 42 -28.48 2.88 -12.22
CA ARG A 42 -27.76 3.40 -13.37
C ARG A 42 -27.57 4.90 -13.18
N GLU A 43 -26.39 5.41 -13.55
CA GLU A 43 -26.07 6.82 -13.32
C GLU A 43 -25.07 7.38 -14.32
N PHE A 44 -25.12 8.70 -14.53
CA PHE A 44 -24.30 9.40 -15.52
C PHE A 44 -22.88 9.65 -15.01
N ILE A 45 -21.89 9.51 -15.90
CA ILE A 45 -20.48 9.68 -15.52
C ILE A 45 -19.87 10.97 -16.03
N ALA A 46 -19.82 11.09 -17.36
CA ALA A 46 -19.14 12.20 -18.03
C ALA A 46 -19.49 12.23 -19.51
N SER A 47 -19.31 13.39 -20.14
CA SER A 47 -19.54 13.55 -21.57
C SER A 47 -18.23 13.40 -22.30
N VAL A 48 -18.28 12.82 -23.48
CA VAL A 48 -17.08 12.64 -24.28
C VAL A 48 -16.88 13.87 -25.17
N LEU A 49 -15.79 14.58 -24.96
CA LEU A 49 -15.47 15.73 -25.80
C LEU A 49 -14.66 15.26 -27.01
N PRO A 50 -14.93 15.83 -28.20
CA PRO A 50 -14.23 15.52 -29.43
C PRO A 50 -12.76 15.85 -29.35
N SER A 51 -11.96 15.09 -30.07
CA SER A 51 -10.52 15.25 -30.11
C SER A 51 -9.99 14.70 -31.43
N ASN A 52 -9.03 15.39 -32.04
CA ASN A 52 -8.43 14.87 -33.26
C ASN A 52 -7.45 13.74 -32.92
N ASP A 53 -6.44 14.03 -32.12
CA ASP A 53 -5.52 13.03 -31.63
C ASP A 53 -6.25 12.16 -30.61
N LEU A 54 -5.72 10.97 -30.35
CA LEU A 54 -6.28 10.05 -29.36
C LEU A 54 -6.16 10.63 -27.95
N THR A 55 -7.28 10.97 -27.31
CA THR A 55 -7.20 11.35 -25.89
C THR A 55 -8.08 10.46 -25.02
N VAL A 56 -7.57 10.11 -23.85
CA VAL A 56 -8.28 9.26 -22.90
C VAL A 56 -8.87 10.15 -21.80
N ASN A 57 -10.08 9.81 -21.34
CA ASN A 57 -10.69 10.48 -20.19
C ASN A 57 -10.71 12.01 -20.27
N ASN A 58 -11.07 12.52 -21.46
CA ASN A 58 -11.07 13.95 -21.78
C ASN A 58 -9.76 14.66 -21.49
N GLY A 59 -8.67 13.92 -21.59
CA GLY A 59 -7.34 14.48 -21.40
C GLY A 59 -6.83 14.48 -19.99
N ASP A 60 -7.66 14.06 -19.03
CA ASP A 60 -7.23 13.91 -17.64
C ASP A 60 -6.23 12.76 -17.53
N VAL A 61 -5.06 13.04 -16.96
CA VAL A 61 -3.97 12.07 -16.94
C VAL A 61 -3.93 11.17 -15.70
N ASN A 62 -4.81 11.41 -14.73
CA ASN A 62 -4.87 10.55 -13.53
C ASN A 62 -5.23 9.11 -13.82
N ILE A 63 -4.27 8.23 -13.50
CA ILE A 63 -4.49 6.80 -13.56
C ILE A 63 -5.57 6.44 -12.56
N GLY A 64 -6.52 5.62 -12.99
CA GLY A 64 -7.59 5.15 -12.13
C GLY A 64 -8.64 6.18 -11.80
N LYS A 65 -8.72 7.26 -12.60
CA LYS A 65 -9.74 8.28 -12.40
C LYS A 65 -11.13 7.65 -12.23
N TYR A 66 -11.47 6.73 -13.12
CA TYR A 66 -12.72 6.00 -13.00
C TYR A 66 -12.49 4.58 -12.47
N ARG A 67 -11.72 4.44 -11.39
CA ARG A 67 -11.57 3.14 -10.77
C ARG A 67 -12.93 2.67 -10.31
N VAL A 68 -13.23 1.39 -10.49
CA VAL A 68 -14.56 0.92 -10.08
C VAL A 68 -14.54 0.46 -8.63
N ASN A 69 -14.77 1.45 -7.78
CA ASN A 69 -14.92 1.33 -6.35
C ASN A 69 -16.04 2.29 -6.03
N PRO A 70 -17.06 1.82 -5.32
CA PRO A 70 -18.25 2.63 -5.16
C PRO A 70 -18.01 3.96 -4.43
N SER A 71 -16.90 4.11 -3.74
CA SER A 71 -16.63 5.37 -3.08
C SER A 71 -15.96 6.40 -4.00
N ASN A 72 -15.67 6.00 -5.23
CA ASN A 72 -15.13 6.89 -6.25
C ASN A 72 -16.23 7.68 -6.92
N ASN A 73 -16.46 8.88 -6.41
CA ASN A 73 -17.57 9.69 -6.90
C ASN A 73 -17.39 10.21 -8.33
N ALA A 74 -16.19 10.07 -8.89
CA ALA A 74 -15.99 10.47 -10.28
C ALA A 74 -16.65 9.47 -11.24
N LEU A 75 -16.79 8.21 -10.81
CA LEU A 75 -17.46 7.20 -11.60
C LEU A 75 -18.89 7.00 -11.11
N PHE A 76 -19.03 6.78 -9.80
CA PHE A 76 -20.34 6.59 -9.18
C PHE A 76 -20.83 7.88 -8.57
N THR A 77 -21.43 8.69 -9.43
CA THR A 77 -22.01 9.96 -9.04
C THR A 77 -23.16 9.80 -8.05
N TRP A 78 -23.85 8.67 -8.09
CA TRP A 78 -24.98 8.40 -7.17
C TRP A 78 -24.63 7.41 -6.04
N LEU A 79 -24.00 6.29 -6.39
CA LEU A 79 -23.76 5.22 -5.44
C LEU A 79 -23.06 5.72 -4.19
N GLN A 80 -22.14 6.68 -4.33
CA GLN A 80 -21.29 7.08 -3.23
C GLN A 80 -22.15 7.42 -2.00
N GLY A 81 -23.33 7.97 -2.26
CA GLY A 81 -24.26 8.33 -1.19
C GLY A 81 -24.63 7.19 -0.28
N GLN A 82 -24.66 6.00 -0.82
CA GLN A 82 -25.05 4.77 -0.12
C GLN A 82 -23.78 4.06 0.34
N ALA A 83 -22.76 4.08 -0.52
CA ALA A 83 -21.45 3.52 -0.24
C ALA A 83 -20.82 3.95 1.09
N GLN A 84 -21.08 5.20 1.48
CA GLN A 84 -20.47 5.75 2.68
C GLN A 84 -20.93 5.05 3.94
N LEU A 85 -21.98 4.24 3.85
CA LEU A 85 -22.56 3.57 5.01
C LEU A 85 -22.08 2.13 5.26
N TYR A 86 -21.27 1.62 4.33
CA TYR A 86 -20.87 0.22 4.36
C TYR A 86 -19.37 0.05 4.21
N ASP A 87 -18.87 -1.10 4.63
CA ASP A 87 -17.44 -1.39 4.59
C ASP A 87 -16.95 -2.06 3.31
N MET A 88 -17.78 -2.92 2.72
CA MET A 88 -17.32 -3.78 1.63
C MET A 88 -18.32 -3.89 0.52
N TYR A 89 -17.84 -4.14 -0.69
CA TYR A 89 -18.72 -4.19 -1.84
C TYR A 89 -18.35 -5.33 -2.79
N ARG A 90 -19.33 -5.77 -3.57
CA ARG A 90 -19.07 -6.74 -4.62
C ARG A 90 -20.01 -6.50 -5.78
N PHE A 91 -19.46 -6.22 -6.94
CA PHE A 91 -20.30 -6.09 -8.13
C PHE A 91 -20.74 -7.45 -8.64
N THR A 92 -21.97 -7.48 -9.12
CA THR A 92 -22.64 -8.69 -9.55
C THR A 92 -22.92 -8.57 -11.03
N ARG A 93 -23.36 -7.39 -11.43
CA ARG A 93 -23.49 -7.01 -12.82
C ARG A 93 -22.88 -5.62 -12.97
N LEU A 94 -22.26 -5.38 -14.12
CA LEU A 94 -21.63 -4.10 -14.41
C LEU A 94 -21.59 -3.85 -15.89
N ARG A 95 -22.25 -2.79 -16.33
CA ARG A 95 -22.15 -2.41 -17.72
C ARG A 95 -22.01 -0.89 -17.90
N PHE A 96 -21.34 -0.49 -18.97
CA PHE A 96 -21.13 0.90 -19.30
C PHE A 96 -21.80 1.21 -20.62
N THR A 97 -22.56 2.30 -20.68
CA THR A 97 -23.26 2.65 -21.91
C THR A 97 -22.77 4.00 -22.39
N TYR A 98 -22.75 4.16 -23.72
CA TYR A 98 -22.52 5.45 -24.33
C TYR A 98 -23.73 5.81 -25.14
N ILE A 99 -24.29 7.00 -24.90
CA ILE A 99 -25.46 7.49 -25.67
C ILE A 99 -25.11 8.84 -26.31
N PRO A 100 -25.22 8.92 -27.64
CA PRO A 100 -24.84 10.14 -28.35
C PRO A 100 -25.67 11.35 -27.95
N THR A 101 -25.09 12.54 -28.03
CA THR A 101 -25.86 13.78 -28.02
C THR A 101 -25.51 14.63 -29.24
N THR A 102 -24.72 14.06 -30.14
CA THR A 102 -24.30 14.76 -31.34
C THR A 102 -25.15 14.35 -32.53
N GLY A 103 -24.97 15.03 -33.65
CA GLY A 103 -25.70 14.71 -34.88
C GLY A 103 -25.07 13.54 -35.63
N SER A 104 -25.76 13.04 -36.64
CA SER A 104 -25.26 11.87 -37.37
C SER A 104 -24.16 12.15 -38.37
N THR A 105 -23.77 13.42 -38.52
CA THR A 105 -22.64 13.72 -39.41
C THR A 105 -21.32 14.01 -38.68
N SER A 106 -21.30 13.79 -37.36
CA SER A 106 -20.12 14.00 -36.54
C SER A 106 -19.13 12.87 -36.77
N THR A 107 -17.85 13.19 -36.91
CA THR A 107 -16.88 12.17 -37.19
C THR A 107 -16.21 11.80 -35.89
N GLY A 108 -15.57 10.63 -35.85
CA GLY A 108 -14.78 10.24 -34.70
C GLY A 108 -15.01 8.82 -34.22
N ARG A 109 -14.21 8.40 -33.24
CA ARG A 109 -14.39 7.14 -32.57
C ARG A 109 -14.62 7.41 -31.09
N VAL A 110 -15.61 6.72 -30.53
CA VAL A 110 -15.77 6.69 -29.09
C VAL A 110 -15.49 5.25 -28.66
N SER A 111 -14.53 5.10 -27.75
CA SER A 111 -14.17 3.81 -27.21
C SER A 111 -14.42 3.82 -25.72
N ILE A 112 -15.19 2.85 -25.23
CA ILE A 112 -15.38 2.67 -23.79
C ILE A 112 -14.72 1.35 -23.36
N LEU A 113 -14.01 1.40 -22.25
CA LEU A 113 -13.06 0.35 -21.92
C LEU A 113 -13.06 0.04 -20.44
N TRP A 114 -12.68 -1.19 -20.10
CA TRP A 114 -12.43 -1.56 -18.73
C TRP A 114 -11.13 -2.34 -18.59
N ASP A 115 -10.31 -1.97 -17.62
CA ASP A 115 -9.03 -2.60 -17.37
C ASP A 115 -9.16 -3.20 -15.98
N ARG A 116 -8.86 -4.50 -15.84
CA ARG A 116 -9.01 -5.17 -14.55
C ARG A 116 -8.10 -4.56 -13.47
N ASP A 117 -6.99 -3.96 -13.89
CA ASP A 117 -6.02 -3.40 -12.98
C ASP A 117 -6.23 -1.89 -12.95
N SER A 118 -6.72 -1.37 -11.84
CA SER A 118 -7.03 0.06 -11.71
C SER A 118 -5.81 0.94 -11.55
N GLN A 119 -4.62 0.34 -11.60
CA GLN A 119 -3.39 1.10 -11.48
C GLN A 119 -2.54 1.08 -12.75
N ASP A 120 -2.99 0.30 -13.76
CA ASP A 120 -2.39 0.30 -15.09
C ASP A 120 -2.43 1.68 -15.75
N PRO A 121 -1.34 2.05 -16.45
CA PRO A 121 -1.22 3.34 -17.15
C PRO A 121 -2.30 3.54 -18.20
N LEU A 122 -2.61 4.80 -18.51
CA LEU A 122 -3.57 5.11 -19.56
C LEU A 122 -2.91 4.83 -20.91
N PRO A 123 -3.70 4.30 -21.88
CA PRO A 123 -3.18 4.08 -23.21
C PRO A 123 -3.01 5.38 -23.99
N ILE A 124 -2.12 5.40 -24.96
CA ILE A 124 -1.94 6.57 -25.81
C ILE A 124 -2.09 6.22 -27.28
N ASP A 125 -2.05 4.93 -27.61
CA ASP A 125 -2.03 4.54 -29.01
C ASP A 125 -3.23 3.71 -29.43
N ARG A 126 -3.49 3.74 -30.74
CA ARG A 126 -4.69 3.21 -31.32
C ARG A 126 -4.73 1.67 -31.29
N ALA A 127 -3.55 1.03 -31.28
CA ALA A 127 -3.50 -0.42 -31.06
C ALA A 127 -3.95 -0.78 -29.62
N ALA A 128 -3.39 -0.06 -28.65
CA ALA A 128 -3.68 -0.28 -27.23
C ALA A 128 -5.16 -0.16 -26.87
N ILE A 129 -5.81 0.92 -27.29
CA ILE A 129 -7.21 1.11 -26.89
C ILE A 129 -8.12 0.06 -27.48
N SER A 130 -7.70 -0.58 -28.56
CA SER A 130 -8.54 -1.60 -29.18
C SER A 130 -8.25 -2.97 -28.62
N SER A 131 -7.24 -3.05 -27.77
CA SER A 131 -6.70 -4.33 -27.31
C SER A 131 -7.14 -4.76 -25.93
N TYR A 132 -7.87 -3.90 -25.22
CA TYR A 132 -8.47 -4.30 -23.95
C TYR A 132 -9.46 -5.43 -24.23
N ALA A 133 -9.48 -6.44 -23.37
CA ALA A 133 -10.41 -7.57 -23.51
C ALA A 133 -11.84 -7.06 -23.45
N HIS A 134 -12.07 -6.10 -22.57
CA HIS A 134 -13.39 -5.51 -22.41
C HIS A 134 -13.45 -4.13 -23.05
N TYR A 135 -14.00 -4.11 -24.26
CA TYR A 135 -13.97 -2.96 -25.14
C TYR A 135 -15.33 -2.78 -25.79
N ALA A 136 -15.60 -1.57 -26.26
CA ALA A 136 -16.74 -1.30 -27.14
C ALA A 136 -16.43 -0.02 -27.90
N ASP A 137 -16.61 -0.08 -29.23
CA ASP A 137 -16.27 1.00 -30.14
C ASP A 137 -17.47 1.37 -30.99
N SER A 138 -17.62 2.65 -31.30
CA SER A 138 -18.70 3.14 -32.13
C SER A 138 -18.39 4.51 -32.66
N ALA A 139 -19.07 4.88 -33.74
CA ALA A 139 -19.09 6.26 -34.20
C ALA A 139 -19.73 7.11 -33.09
N PRO A 140 -19.48 8.44 -33.12
CA PRO A 140 -20.00 9.24 -32.01
C PRO A 140 -21.51 9.32 -32.02
N TRP A 141 -22.11 9.04 -33.18
CA TRP A 141 -23.55 9.09 -33.31
C TRP A 141 -24.25 7.74 -33.16
N ALA A 142 -23.53 6.76 -32.60
CA ALA A 142 -24.10 5.44 -32.34
C ALA A 142 -24.00 5.10 -30.87
N GLU A 143 -25.11 4.61 -30.32
CA GLU A 143 -25.17 4.05 -28.97
C GLU A 143 -24.22 2.88 -28.88
N ASN A 144 -23.73 2.62 -27.67
CA ASN A 144 -22.86 1.49 -27.46
C ASN A 144 -22.96 1.00 -26.03
N VAL A 145 -22.64 -0.28 -25.82
CA VAL A 145 -22.71 -0.90 -24.50
C VAL A 145 -21.50 -1.79 -24.25
N LEU A 146 -21.00 -1.76 -23.01
CA LEU A 146 -19.90 -2.62 -22.63
C LEU A 146 -20.27 -3.40 -21.37
N VAL A 147 -20.32 -4.72 -21.49
CA VAL A 147 -20.64 -5.57 -20.35
C VAL A 147 -19.34 -6.04 -19.73
N VAL A 148 -19.21 -5.87 -18.41
CA VAL A 148 -18.05 -6.36 -17.70
C VAL A 148 -18.50 -7.51 -16.80
N PRO A 149 -17.97 -8.71 -17.04
CA PRO A 149 -18.34 -9.88 -16.24
C PRO A 149 -17.70 -9.78 -14.89
N CYS A 150 -18.54 -9.84 -13.85
CA CYS A 150 -18.08 -9.58 -12.49
C CYS A 150 -17.51 -10.83 -11.86
N ASP A 151 -16.76 -10.67 -10.78
CA ASP A 151 -16.15 -11.80 -10.08
C ASP A 151 -16.77 -12.00 -8.69
N ASN A 152 -16.17 -12.88 -7.89
CA ASN A 152 -16.74 -13.21 -6.59
C ASN A 152 -16.02 -12.62 -5.39
N THR A 153 -15.12 -11.69 -5.64
CA THR A 153 -14.29 -11.18 -4.58
C THR A 153 -14.95 -9.97 -3.92
N TRP A 154 -14.99 -9.98 -2.59
CA TRP A 154 -15.34 -8.81 -1.83
C TRP A 154 -14.15 -7.87 -1.75
N ARG A 155 -14.41 -6.58 -1.84
CA ARG A 155 -13.35 -5.60 -1.74
C ARG A 155 -13.73 -4.51 -0.75
N TYR A 156 -12.71 -3.90 -0.16
CA TYR A 156 -12.92 -2.83 0.81
C TYR A 156 -13.30 -1.53 0.13
N MET A 157 -14.36 -0.93 0.66
CA MET A 157 -14.88 0.31 0.13
C MET A 157 -14.06 1.49 0.56
N ASN A 158 -13.91 1.63 1.88
CA ASN A 158 -13.38 2.85 2.53
C ASN A 158 -12.13 3.37 1.88
N ASP A 159 -12.11 4.68 1.68
CA ASP A 159 -10.91 5.32 1.23
C ASP A 159 -10.11 5.62 2.50
N THR A 160 -9.07 4.84 2.69
CA THR A 160 -8.12 5.05 3.76
C THR A 160 -6.81 5.26 3.06
N ASN A 161 -6.87 5.92 1.89
CA ASN A 161 -5.72 6.14 1.04
C ASN A 161 -4.90 4.87 0.86
N ALA A 162 -5.59 3.80 0.42
CA ALA A 162 -4.92 2.56 0.05
C ALA A 162 -3.90 2.87 -1.02
N VAL A 163 -2.70 2.32 -0.86
CA VAL A 163 -1.63 2.58 -1.80
C VAL A 163 -1.76 1.67 -3.01
N ASP A 164 -1.84 0.36 -2.79
CA ASP A 164 -2.08 -0.54 -3.91
C ASP A 164 -3.58 -0.59 -4.23
N ARG A 165 -4.09 0.50 -4.79
CA ARG A 165 -5.50 0.64 -5.12
C ARG A 165 -6.09 -0.56 -5.88
N LYS A 166 -5.30 -1.19 -6.73
CA LYS A 166 -5.81 -2.31 -7.55
C LYS A 166 -6.45 -3.40 -6.67
N LEU A 167 -5.92 -3.54 -5.47
CA LEU A 167 -6.36 -4.59 -4.56
C LEU A 167 -7.69 -4.26 -3.84
N VAL A 168 -8.15 -3.02 -3.99
CA VAL A 168 -9.44 -2.60 -3.40
C VAL A 168 -10.41 -2.04 -4.44
N ASP A 169 -9.99 -1.99 -5.70
CA ASP A 169 -10.87 -1.55 -6.78
C ASP A 169 -11.18 -2.75 -7.64
N PHE A 170 -12.31 -2.71 -8.34
CA PHE A 170 -12.61 -3.72 -9.34
C PHE A 170 -12.20 -3.18 -10.70
N GLY A 171 -10.91 -2.94 -10.87
CA GLY A 171 -10.43 -2.37 -12.12
C GLY A 171 -10.77 -0.92 -12.26
N GLN A 172 -10.67 -0.44 -13.50
CA GLN A 172 -10.98 0.95 -13.81
C GLN A 172 -11.67 1.03 -15.16
N PHE A 173 -12.67 1.91 -15.23
CA PHE A 173 -13.27 2.27 -16.49
C PHE A 173 -12.45 3.40 -17.09
N LEU A 174 -12.39 3.44 -18.41
CA LEU A 174 -11.76 4.56 -19.12
C LEU A 174 -12.41 4.70 -20.48
N PHE A 175 -12.39 5.91 -21.02
CA PHE A 175 -12.85 6.12 -22.38
C PHE A 175 -11.81 6.82 -23.23
N ALA A 176 -11.90 6.63 -24.54
CA ALA A 176 -10.96 7.27 -25.45
C ALA A 176 -11.68 7.75 -26.69
N THR A 177 -11.09 8.68 -27.41
CA THR A 177 -11.72 9.22 -28.61
C THR A 177 -10.66 9.83 -29.54
N TYR A 178 -10.91 9.73 -30.84
CA TYR A 178 -10.05 10.37 -31.84
C TYR A 178 -10.84 10.69 -33.11
N SER A 179 -10.23 11.46 -34.01
CA SER A 179 -10.83 11.82 -35.30
C SER A 179 -12.11 12.67 -35.20
N GLY A 180 -12.24 13.42 -34.11
CA GLY A 180 -13.39 14.30 -33.95
C GLY A 180 -12.97 15.75 -34.15
N ALA A 181 -13.93 16.65 -34.23
CA ALA A 181 -13.64 18.06 -34.45
C ALA A 181 -14.62 18.94 -33.71
N GLY A 182 -14.16 20.11 -33.29
CA GLY A 182 -15.00 21.12 -32.64
C GLY A 182 -15.15 20.84 -31.15
N ALA A 183 -16.08 21.55 -30.53
CA ALA A 183 -16.24 21.49 -29.07
C ALA A 183 -17.60 20.94 -28.65
N THR A 184 -18.45 20.60 -29.62
CA THR A 184 -19.73 19.92 -29.38
C THR A 184 -19.48 18.50 -28.87
N ALA A 185 -19.74 18.27 -27.58
CA ALA A 185 -19.59 16.95 -26.95
C ALA A 185 -20.31 15.87 -27.75
N HIS A 186 -19.67 14.72 -27.92
CA HIS A 186 -20.22 13.62 -28.72
C HIS A 186 -21.43 12.96 -28.08
N GLY A 187 -21.29 12.62 -26.80
CA GLY A 187 -22.36 11.96 -26.07
C GLY A 187 -22.01 11.74 -24.62
N ASP A 188 -22.83 10.96 -23.93
CA ASP A 188 -22.66 10.77 -22.51
C ASP A 188 -22.34 9.34 -22.16
N LEU A 189 -21.69 9.17 -21.01
CA LEU A 189 -21.34 7.87 -20.50
C LEU A 189 -22.10 7.59 -19.22
N TYR A 190 -22.59 6.37 -19.09
CA TYR A 190 -23.32 5.98 -17.90
C TYR A 190 -22.79 4.65 -17.42
N VAL A 191 -22.93 4.41 -16.13
CA VAL A 191 -22.62 3.14 -15.53
C VAL A 191 -23.91 2.57 -14.94
N GLU A 192 -24.05 1.26 -15.09
CA GLU A 192 -25.23 0.52 -14.70
C GLU A 192 -24.72 -0.77 -14.06
N TYR A 193 -25.35 -1.18 -12.96
CA TYR A 193 -24.75 -2.21 -12.13
C TYR A 193 -25.70 -2.83 -11.12
N ALA A 194 -25.31 -4.01 -10.65
CA ALA A 194 -25.84 -4.60 -9.44
C ALA A 194 -24.66 -4.76 -8.47
N VAL A 195 -24.80 -4.22 -7.26
CA VAL A 195 -23.76 -4.37 -6.24
C VAL A 195 -24.35 -4.92 -4.96
N GLU A 196 -23.56 -5.74 -4.25
CA GLU A 196 -23.89 -6.08 -2.87
C GLU A 196 -23.01 -5.24 -1.96
N PHE A 197 -23.53 -4.79 -0.83
CA PHE A 197 -22.73 -4.12 0.20
C PHE A 197 -22.77 -4.97 1.45
N LYS A 198 -21.73 -4.91 2.27
CA LYS A 198 -21.65 -5.85 3.38
C LYS A 198 -21.82 -5.27 4.77
N ASP A 199 -20.90 -4.44 5.26
CA ASP A 199 -20.96 -4.14 6.71
C ASP A 199 -21.37 -2.71 7.05
N PRO A 200 -22.58 -2.51 7.60
CA PRO A 200 -22.92 -1.18 8.09
C PRO A 200 -21.83 -0.64 8.99
N GLN A 201 -21.57 0.66 8.87
CA GLN A 201 -20.49 1.31 9.61
C GLN A 201 -20.86 2.79 9.86
N PRO A 202 -20.10 3.50 10.72
CA PRO A 202 -20.28 4.94 10.82
C PRO A 202 -20.11 5.57 9.44
N ILE A 203 -20.95 6.53 9.12
CA ILE A 203 -20.94 7.13 7.79
C ILE A 203 -19.60 7.79 7.46
N ALA A 204 -19.11 7.56 6.25
CA ALA A 204 -17.90 8.20 5.77
C ALA A 204 -18.16 9.66 5.38
N GLY A 205 -19.41 9.99 5.06
CA GLY A 205 -19.79 11.36 4.75
C GLY A 205 -19.76 11.67 3.26
N MET A 206 -20.37 12.80 2.90
CA MET A 206 -20.43 13.25 1.51
C MET A 206 -19.66 14.57 1.36
N VAL A 207 -18.93 14.94 2.40
CA VAL A 207 -18.18 16.18 2.41
C VAL A 207 -16.78 15.97 1.83
N CYS A 208 -16.30 16.95 1.08
CA CYS A 208 -14.91 17.00 0.67
C CYS A 208 -14.32 18.29 1.19
N MET A 209 -13.14 18.23 1.79
CA MET A 209 -12.49 19.47 2.15
C MET A 209 -11.10 19.62 1.55
N PHE A 210 -10.84 20.83 1.10
CA PHE A 210 -9.64 21.17 0.36
C PHE A 210 -8.90 22.25 1.14
N ASP A 211 -7.59 22.08 1.26
CA ASP A 211 -6.74 23.03 1.95
C ASP A 211 -5.43 23.20 1.17
N ARG A 212 -5.17 24.43 0.71
CA ARG A 212 -3.89 24.77 0.07
C ARG A 212 -3.27 25.98 0.75
N LEU A 213 -2.01 25.80 1.16
CA LEU A 213 -1.22 26.89 1.71
C LEU A 213 -0.47 27.60 0.59
N VAL A 214 -1.14 28.57 -0.03
CA VAL A 214 -0.58 29.32 -1.16
C VAL A 214 0.73 30.06 -0.82
N SER A 215 0.88 30.50 0.43
CA SER A 215 2.17 30.98 0.97
C SER A 215 3.33 30.10 0.50
N PHE A 216 3.12 28.79 0.61
CA PHE A 216 4.16 27.82 0.39
C PHE A 216 4.31 27.48 -1.09
N SER A 217 3.18 27.26 -1.75
CA SER A 217 3.15 26.96 -3.19
C SER A 217 1.76 27.13 -3.76
N GLU A 218 1.69 27.49 -5.04
CA GLU A 218 0.41 27.68 -5.75
C GLU A 218 -0.21 26.34 -6.20
N VAL A 219 0.59 25.27 -6.14
CA VAL A 219 0.10 23.93 -6.40
C VAL A 219 0.31 23.07 -5.16
N GLY A 220 -0.30 21.88 -5.16
CA GLY A 220 -0.29 21.01 -3.98
C GLY A 220 -1.39 21.39 -3.01
N SER A 221 -1.86 20.42 -2.25
CA SER A 221 -2.94 20.63 -1.30
C SER A 221 -3.15 19.41 -0.42
N THR A 222 -3.98 19.56 0.61
CA THR A 222 -4.48 18.42 1.35
C THR A 222 -5.95 18.31 1.01
N ILE A 223 -6.36 17.15 0.49
CA ILE A 223 -7.79 16.94 0.22
C ILE A 223 -8.30 15.76 1.03
N LYS A 224 -9.41 15.96 1.72
CA LYS A 224 -9.98 14.90 2.52
C LYS A 224 -11.42 14.61 2.16
N GLY A 225 -11.86 13.40 2.43
CA GLY A 225 -13.24 13.00 2.17
C GLY A 225 -13.48 12.62 0.72
N VAL A 226 -14.66 13.01 0.21
CA VAL A 226 -15.09 12.60 -1.12
C VAL A 226 -14.29 13.31 -2.22
N ASN A 227 -13.85 12.52 -3.19
CA ASN A 227 -13.00 13.02 -4.26
C ASN A 227 -13.76 13.79 -5.36
N TYR A 228 -14.44 14.89 -4.98
CA TYR A 228 -15.09 15.77 -5.99
C TYR A 228 -14.08 16.52 -6.86
N ILE A 229 -12.95 16.84 -6.26
CA ILE A 229 -11.91 17.61 -6.94
C ILE A 229 -10.57 16.98 -6.64
N ALA A 230 -9.65 17.09 -7.59
CA ALA A 230 -8.24 16.81 -7.33
C ALA A 230 -7.49 18.15 -7.21
N ASP A 231 -6.20 18.08 -6.88
CA ASP A 231 -5.37 19.29 -6.76
C ASP A 231 -5.46 20.26 -7.94
N ARG A 232 -5.26 19.76 -9.16
CA ARG A 232 -5.24 20.60 -10.37
C ARG A 232 -6.57 21.32 -10.64
N ASP A 233 -7.63 20.90 -9.95
CA ASP A 233 -8.97 21.42 -10.19
C ASP A 233 -9.15 22.77 -9.49
N VAL A 234 -8.26 23.07 -8.57
CA VAL A 234 -8.26 24.36 -7.88
C VAL A 234 -7.03 25.13 -8.35
N ILE A 235 -7.28 26.22 -9.06
CA ILE A 235 -6.22 27.07 -9.61
C ILE A 235 -6.12 28.36 -8.80
N THR A 236 -4.94 28.62 -8.25
CA THR A 236 -4.67 29.82 -7.47
C THR A 236 -3.42 30.50 -8.01
N THR A 237 -3.61 31.39 -8.97
CA THR A 237 -2.50 32.10 -9.62
C THR A 237 -2.90 33.42 -10.26
N GLY A 238 -1.93 34.33 -10.33
CA GLY A 238 -2.08 35.63 -11.00
C GLY A 238 -3.30 36.43 -10.56
N GLY A 239 -3.58 36.41 -9.26
CA GLY A 239 -4.73 37.14 -8.71
C GLY A 239 -6.11 36.55 -8.99
N ASN A 240 -6.14 35.25 -9.30
CA ASN A 240 -7.39 34.53 -9.51
C ASN A 240 -7.46 33.20 -8.77
N ILE A 241 -8.66 32.83 -8.37
CA ILE A 241 -8.93 31.50 -7.86
C ILE A 241 -10.00 30.87 -8.74
N GLY A 242 -9.70 29.73 -9.33
CA GLY A 242 -10.69 28.96 -10.05
C GLY A 242 -10.84 27.60 -9.40
N VAL A 243 -12.08 27.18 -9.13
CA VAL A 243 -12.28 25.78 -8.76
C VAL A 243 -13.12 25.05 -9.81
N ASN A 244 -12.68 23.85 -10.18
CA ASN A 244 -13.37 23.09 -11.21
C ASN A 244 -13.96 21.82 -10.64
N ILE A 245 -15.28 21.81 -10.55
CA ILE A 245 -16.00 20.62 -10.14
C ILE A 245 -16.42 19.93 -11.43
N ASN A 246 -15.60 18.98 -11.86
CA ASN A 246 -15.83 18.30 -13.11
C ASN A 246 -16.55 16.96 -12.95
N ILE A 247 -17.50 16.95 -12.03
CA ILE A 247 -18.36 15.80 -11.81
C ILE A 247 -19.77 16.34 -11.71
N PRO A 248 -20.72 15.78 -12.51
CA PRO A 248 -22.06 16.35 -12.58
C PRO A 248 -22.75 16.33 -11.23
N GLY A 249 -23.57 17.34 -10.99
CA GLY A 249 -24.35 17.37 -9.77
C GLY A 249 -24.58 18.76 -9.24
N THR A 250 -25.31 18.81 -8.13
CA THR A 250 -25.58 20.02 -7.40
C THR A 250 -24.80 19.92 -6.12
N TYR A 251 -24.05 20.97 -5.80
CA TYR A 251 -23.16 20.95 -4.66
C TYR A 251 -23.31 22.17 -3.80
N LEU A 252 -23.06 21.99 -2.51
CA LEU A 252 -22.92 23.09 -1.58
C LEU A 252 -21.44 23.36 -1.37
N VAL A 253 -21.01 24.57 -1.66
CA VAL A 253 -19.62 24.93 -1.36
C VAL A 253 -19.55 26.04 -0.32
N THR A 254 -18.57 25.95 0.57
CA THR A 254 -18.18 27.07 1.37
C THR A 254 -16.66 27.14 1.31
N ILE A 255 -16.18 28.30 0.88
CA ILE A 255 -14.76 28.55 0.65
C ILE A 255 -14.30 29.72 1.51
N VAL A 256 -13.16 29.56 2.18
CA VAL A 256 -12.62 30.62 3.04
C VAL A 256 -11.21 31.00 2.57
N LEU A 257 -11.06 32.26 2.20
CA LEU A 257 -9.82 32.78 1.61
C LEU A 257 -9.06 33.63 2.61
N ASN A 258 -7.77 33.31 2.82
CA ASN A 258 -6.87 34.19 3.54
C ASN A 258 -6.17 35.08 2.54
N ALA A 259 -6.67 36.31 2.44
CA ALA A 259 -6.21 37.25 1.43
C ALA A 259 -6.54 38.65 1.88
N THR A 260 -5.75 39.61 1.44
CA THR A 260 -5.99 41.01 1.77
C THR A 260 -7.38 41.46 1.31
N SER A 261 -7.69 41.20 0.04
CA SER A 261 -8.98 41.56 -0.53
C SER A 261 -9.31 40.65 -1.73
N ILE A 262 -10.59 40.59 -2.07
CA ILE A 262 -11.03 39.80 -3.22
C ILE A 262 -11.98 40.61 -4.08
N GLY A 263 -12.03 40.26 -5.37
CA GLY A 263 -12.94 40.92 -6.30
C GLY A 263 -14.31 40.26 -6.38
N SER A 264 -14.63 39.70 -7.54
CA SER A 264 -15.96 39.13 -7.78
C SER A 264 -16.03 37.59 -7.87
N LEU A 265 -17.13 37.03 -7.38
CA LEU A 265 -17.47 35.63 -7.60
C LEU A 265 -18.15 35.53 -8.95
N THR A 266 -17.66 34.67 -9.83
CA THR A 266 -18.31 34.52 -11.13
C THR A 266 -18.51 33.05 -11.49
N PHE A 267 -19.53 32.81 -12.31
CA PHE A 267 -19.94 31.47 -12.73
C PHE A 267 -20.00 31.45 -14.24
N THR A 268 -18.84 31.21 -14.82
CA THR A 268 -18.58 31.55 -16.19
C THR A 268 -18.25 30.29 -16.99
N GLY A 269 -18.21 29.16 -16.27
CA GLY A 269 -17.82 27.85 -16.80
C GLY A 269 -18.98 26.87 -16.80
N ASN A 270 -18.73 25.66 -16.29
CA ASN A 270 -19.72 24.57 -16.33
C ASN A 270 -20.83 24.60 -15.27
N SER A 271 -20.89 25.63 -14.45
CA SER A 271 -21.84 25.64 -13.33
C SER A 271 -22.68 26.91 -13.25
N LYS A 272 -23.92 26.79 -12.78
CA LYS A 272 -24.74 27.95 -12.50
C LYS A 272 -24.94 28.05 -10.99
N LEU A 273 -24.96 29.27 -10.49
CA LEU A 273 -25.33 29.51 -9.11
C LEU A 273 -26.79 29.11 -8.90
N VAL A 274 -27.07 28.41 -7.81
CA VAL A 274 -28.43 28.04 -7.49
C VAL A 274 -28.83 28.83 -6.27
N GLY A 275 -29.90 29.60 -6.44
CA GLY A 275 -30.34 30.55 -5.44
C GLY A 275 -29.29 31.62 -5.19
N ASN A 276 -29.11 31.97 -3.94
CA ASN A 276 -28.30 33.10 -3.59
C ASN A 276 -26.93 32.70 -3.07
N SER A 277 -25.99 33.59 -3.27
CA SER A 277 -24.62 33.42 -2.84
C SER A 277 -24.36 34.34 -1.65
N LEU A 278 -23.90 33.77 -0.55
CA LEU A 278 -23.62 34.54 0.67
C LEU A 278 -22.14 34.88 0.75
N ASN A 279 -21.85 36.18 0.76
CA ASN A 279 -20.46 36.64 0.68
C ASN A 279 -20.08 37.54 1.83
N VAL A 280 -18.96 37.22 2.48
CA VAL A 280 -18.48 38.03 3.57
C VAL A 280 -17.05 38.41 3.26
N THR A 281 -16.82 39.71 3.11
CA THR A 281 -15.47 40.22 2.82
C THR A 281 -14.95 41.04 3.98
N SER A 282 -13.70 40.83 4.33
CA SER A 282 -13.01 41.68 5.29
C SER A 282 -11.56 41.81 4.87
N SER A 283 -10.86 42.72 5.53
CA SER A 283 -9.43 42.89 5.28
C SER A 283 -8.65 41.76 5.94
N GLY A 284 -8.01 40.91 5.14
CA GLY A 284 -7.25 39.77 5.65
C GLY A 284 -7.87 38.39 5.40
N ALA A 285 -9.19 38.35 5.27
CA ALA A 285 -9.94 37.10 5.08
C ALA A 285 -11.32 37.34 4.51
N SER A 286 -11.81 36.40 3.71
CA SER A 286 -13.20 36.40 3.25
C SER A 286 -13.78 35.00 3.11
N ALA A 287 -15.11 34.91 3.10
CA ALA A 287 -15.81 33.63 3.06
C ALA A 287 -17.00 33.73 2.12
N LEU A 288 -17.15 32.73 1.27
CA LEU A 288 -18.29 32.62 0.37
C LEU A 288 -18.95 31.25 0.53
N THR A 289 -20.28 31.22 0.58
CA THR A 289 -21.03 29.97 0.56
C THR A 289 -22.12 30.06 -0.47
N PHE A 290 -22.43 28.94 -1.11
CA PHE A 290 -23.44 28.90 -2.15
C PHE A 290 -23.63 27.50 -2.62
N THR A 291 -24.77 27.26 -3.24
CA THR A 291 -25.03 26.00 -3.93
C THR A 291 -24.88 26.27 -5.42
N LEU A 292 -24.08 25.45 -6.09
CA LEU A 292 -23.99 25.53 -7.56
C LEU A 292 -24.45 24.24 -8.22
N ASN A 293 -24.68 24.33 -9.51
CA ASN A 293 -25.20 23.24 -10.31
C ASN A 293 -24.24 23.04 -11.47
N SER A 294 -23.47 21.96 -11.38
CA SER A 294 -22.43 21.68 -12.36
C SER A 294 -22.82 20.64 -13.38
N THR A 295 -22.34 20.90 -14.57
CA THR A 295 -22.55 20.09 -15.74
C THR A 295 -21.58 18.91 -15.67
N GLY A 296 -20.44 19.15 -15.04
CA GLY A 296 -19.36 18.18 -14.94
C GLY A 296 -18.40 18.23 -16.11
N VAL A 297 -18.82 18.86 -17.21
CA VAL A 297 -18.01 18.94 -18.41
C VAL A 297 -16.83 19.88 -18.17
N PRO A 298 -15.60 19.39 -18.38
CA PRO A 298 -14.41 20.19 -18.09
C PRO A 298 -14.24 21.34 -19.08
N ASN A 299 -13.98 22.53 -18.56
CA ASN A 299 -13.67 23.71 -19.37
C ASN A 299 -12.27 24.19 -18.95
N SER A 300 -11.33 24.19 -19.89
CA SER A 300 -9.95 24.54 -19.54
C SER A 300 -9.68 26.05 -19.38
N SER A 301 -10.57 26.89 -19.92
CA SER A 301 -10.40 28.33 -19.81
C SER A 301 -11.32 29.01 -18.80
N ASN A 302 -12.43 28.37 -18.44
CA ASN A 302 -13.33 28.94 -17.43
C ASN A 302 -13.67 27.93 -16.35
N SER A 303 -13.38 28.27 -15.10
CA SER A 303 -13.68 27.39 -13.95
C SER A 303 -15.16 27.34 -13.56
N SER A 304 -15.53 26.35 -12.75
CA SER A 304 -16.90 26.16 -12.29
C SER A 304 -17.37 27.41 -11.58
N PHE A 305 -16.54 27.87 -10.66
CA PHE A 305 -16.63 29.23 -10.14
C PHE A 305 -15.23 29.81 -9.96
N SER A 306 -15.14 31.13 -10.13
CA SER A 306 -13.88 31.86 -9.97
C SER A 306 -14.09 33.03 -9.04
N VAL A 307 -13.05 33.38 -8.32
CA VAL A 307 -13.00 34.66 -7.64
C VAL A 307 -11.79 35.46 -8.16
N GLY A 308 -12.07 36.68 -8.64
CA GLY A 308 -11.06 37.52 -9.29
C GLY A 308 -10.49 38.61 -8.39
N THR A 309 -9.52 39.37 -8.92
CA THR A 309 -8.88 40.49 -8.19
C THR A 309 -8.54 40.08 -6.75
N VAL A 310 -7.93 38.93 -6.58
CA VAL A 310 -7.55 38.51 -5.23
C VAL A 310 -6.12 38.93 -4.95
N VAL A 311 -5.95 39.68 -3.87
CA VAL A 311 -4.69 40.30 -3.52
C VAL A 311 -4.02 39.58 -2.36
N ALA A 312 -2.77 39.18 -2.57
CA ALA A 312 -1.96 38.50 -1.56
C ALA A 312 -2.70 37.30 -0.96
N LEU A 313 -2.91 36.28 -1.79
CA LEU A 313 -3.57 35.05 -1.34
C LEU A 313 -2.60 34.13 -0.58
N THR A 314 -2.95 33.84 0.66
CA THR A 314 -2.13 33.08 1.59
C THR A 314 -2.60 31.62 1.69
N ARG A 315 -3.92 31.45 1.83
CA ARG A 315 -4.51 30.13 2.02
C ARG A 315 -5.91 30.01 1.45
N VAL A 316 -6.21 28.82 0.96
CA VAL A 316 -7.56 28.47 0.55
C VAL A 316 -8.01 27.25 1.36
N ARG A 317 -9.13 27.40 2.05
CA ARG A 317 -9.74 26.31 2.77
C ARG A 317 -11.18 26.26 2.29
N MET A 318 -11.63 25.07 1.94
CA MET A 318 -12.92 24.93 1.27
C MET A 318 -13.57 23.60 1.57
N THR A 319 -14.89 23.63 1.53
CA THR A 319 -15.67 22.48 1.84
C THR A 319 -16.72 22.32 0.71
N ILE A 320 -16.78 21.13 0.09
CA ILE A 320 -17.71 20.84 -1.01
C ILE A 320 -18.50 19.60 -0.64
N THR A 321 -19.78 19.57 -0.97
CA THR A 321 -20.70 18.53 -0.56
C THR A 321 -21.81 18.38 -1.59
N ARG A 322 -21.93 17.19 -2.19
CA ARG A 322 -23.03 16.91 -3.10
C ARG A 322 -24.36 17.01 -2.34
N CYS A 323 -25.34 17.65 -2.95
CA CYS A 323 -26.63 17.85 -2.30
C CYS A 323 -27.73 18.01 -3.36
N SER A 324 -28.94 18.37 -2.92
CA SER A 324 -30.02 18.75 -3.83
C SER A 324 -30.11 20.28 -3.89
N PRO A 325 -30.87 20.82 -4.85
CA PRO A 325 -31.11 22.26 -4.98
C PRO A 325 -32.05 22.86 -3.93
N GLU A 326 -32.62 22.01 -3.07
CA GLU A 326 -33.62 22.50 -2.12
C GLU A 326 -33.00 23.34 -1.01
N THR A 327 -31.70 23.14 -0.79
CA THR A 327 -31.01 23.75 0.34
C THR A 327 -30.24 24.98 -0.08
N ALA A 328 -30.46 25.42 -1.31
CA ALA A 328 -29.89 26.68 -1.83
C ALA A 328 -30.27 27.84 -0.92
N TYR A 329 -29.32 28.74 -0.68
CA TYR A 329 -29.59 29.90 0.16
C TYR A 329 -30.64 30.82 -0.46
N LEU A 330 -31.35 31.55 0.39
CA LEU A 330 -32.42 32.43 -0.04
C LEU A 330 -31.95 33.86 -0.27
N ALA A 331 -32.69 34.59 -1.13
CA ALA A 331 -32.53 36.05 -1.29
C ALA A 331 -33.13 36.77 -0.10
N SER B 36 -8.10 -19.13 -17.55
CA SER B 36 -8.79 -19.02 -18.88
C SER B 36 -7.85 -19.32 -20.07
N VAL B 37 -6.76 -18.57 -20.21
CA VAL B 37 -5.70 -19.01 -21.12
C VAL B 37 -4.70 -19.84 -20.33
N LYS B 38 -4.57 -21.11 -20.70
CA LYS B 38 -3.76 -22.06 -19.92
C LYS B 38 -2.41 -22.38 -20.58
N ILE B 39 -1.34 -21.98 -19.92
CA ILE B 39 0.01 -22.15 -20.41
C ILE B 39 0.74 -23.15 -19.54
N VAL B 40 1.44 -24.10 -20.17
CA VAL B 40 2.41 -24.94 -19.47
C VAL B 40 3.78 -24.88 -20.17
N HIS B 41 4.83 -24.79 -19.37
CA HIS B 41 6.17 -24.62 -19.90
C HIS B 41 7.19 -24.96 -18.85
N ARG B 42 8.43 -25.18 -19.32
CA ARG B 42 9.60 -25.34 -18.47
C ARG B 42 10.66 -24.39 -19.03
N GLU B 43 11.35 -23.66 -18.16
CA GLU B 43 12.36 -22.70 -18.60
C GLU B 43 13.52 -22.50 -17.63
N PHE B 44 14.68 -22.14 -18.19
CA PHE B 44 15.91 -21.97 -17.43
C PHE B 44 15.92 -20.67 -16.65
N ILE B 45 16.42 -20.72 -15.42
CA ILE B 45 16.43 -19.54 -14.54
C ILE B 45 17.83 -18.98 -14.38
N ALA B 46 18.73 -19.77 -13.81
CA ALA B 46 20.10 -19.31 -13.52
C ALA B 46 21.01 -20.50 -13.26
N SER B 47 22.31 -20.29 -13.46
CA SER B 47 23.31 -21.28 -13.09
C SER B 47 23.83 -20.95 -11.70
N VAL B 48 23.99 -21.98 -10.85
CA VAL B 48 24.43 -21.78 -9.47
C VAL B 48 25.95 -21.81 -9.37
N LEU B 49 26.53 -20.66 -9.01
CA LEU B 49 27.98 -20.55 -8.82
C LEU B 49 28.37 -21.13 -7.49
N PRO B 50 29.49 -21.89 -7.44
CA PRO B 50 29.96 -22.47 -6.17
C PRO B 50 30.36 -21.39 -5.18
N SER B 51 30.31 -21.74 -3.90
CA SER B 51 30.64 -20.81 -2.83
C SER B 51 30.91 -21.62 -1.56
N ASN B 52 31.90 -21.21 -0.79
CA ASN B 52 32.22 -21.86 0.49
C ASN B 52 31.29 -21.35 1.57
N ASP B 53 31.28 -20.03 1.75
CA ASP B 53 30.30 -19.40 2.63
C ASP B 53 28.93 -19.53 2.00
N LEU B 54 27.88 -19.40 2.80
CA LEU B 54 26.55 -19.44 2.24
C LEU B 54 26.33 -18.28 1.27
N THR B 55 25.76 -18.59 0.10
CA THR B 55 25.47 -17.58 -0.88
C THR B 55 24.07 -17.83 -1.44
N VAL B 56 23.19 -16.86 -1.19
CA VAL B 56 21.82 -16.95 -1.65
C VAL B 56 21.70 -16.17 -2.96
N ASN B 57 21.01 -16.76 -3.92
CA ASN B 57 20.73 -16.15 -5.21
C ASN B 57 21.98 -15.62 -5.89
N ASN B 58 23.03 -16.43 -5.89
CA ASN B 58 24.33 -16.04 -6.46
C ASN B 58 24.86 -14.70 -5.95
N GLY B 59 24.56 -14.36 -4.69
CA GLY B 59 25.08 -13.15 -4.08
C GLY B 59 24.25 -11.90 -4.27
N ASP B 60 23.19 -11.99 -5.08
CA ASP B 60 22.25 -10.88 -5.26
C ASP B 60 21.46 -10.66 -3.99
N VAL B 61 21.42 -9.41 -3.56
CA VAL B 61 20.97 -9.07 -2.22
C VAL B 61 19.49 -8.75 -2.17
N ASN B 62 18.90 -8.43 -3.32
CA ASN B 62 17.51 -7.96 -3.42
C ASN B 62 16.44 -8.96 -3.04
N ILE B 63 15.49 -8.50 -2.25
CA ILE B 63 14.45 -9.33 -1.63
C ILE B 63 13.46 -10.00 -2.61
N GLY B 64 13.08 -9.33 -3.67
CA GLY B 64 12.13 -10.03 -4.54
C GLY B 64 12.69 -10.83 -5.70
N LYS B 65 14.00 -11.06 -5.72
CA LYS B 65 14.70 -11.37 -6.96
C LYS B 65 13.90 -12.34 -7.79
N TYR B 66 13.50 -13.44 -7.18
CA TYR B 66 12.73 -14.46 -7.88
C TYR B 66 11.28 -14.55 -7.37
N ARG B 67 10.64 -13.41 -7.18
N ARG B 67 10.62 -13.41 -7.17
CA ARG B 67 9.21 -13.40 -6.83
CA ARG B 67 9.20 -13.39 -6.79
C ARG B 67 8.47 -14.17 -7.91
C ARG B 67 8.41 -14.09 -7.88
N VAL B 68 7.57 -15.06 -7.50
CA VAL B 68 6.84 -15.81 -8.49
C VAL B 68 5.64 -15.01 -8.99
N ASN B 69 5.94 -14.28 -10.04
CA ASN B 69 5.02 -13.46 -10.78
C ASN B 69 5.52 -13.45 -12.21
N PRO B 70 4.66 -13.81 -13.17
CA PRO B 70 5.09 -13.98 -14.55
C PRO B 70 5.78 -12.79 -15.18
N SER B 71 5.62 -11.59 -14.60
CA SER B 71 6.33 -10.39 -15.07
C SER B 71 7.82 -10.44 -14.76
N ASN B 72 8.17 -11.21 -13.74
CA ASN B 72 9.53 -11.24 -13.24
C ASN B 72 10.38 -12.07 -14.16
N ASN B 73 11.05 -11.37 -15.07
CA ASN B 73 11.82 -12.03 -16.10
C ASN B 73 13.06 -12.72 -15.54
N ALA B 74 13.47 -12.39 -14.32
CA ALA B 74 14.59 -13.07 -13.69
C ALA B 74 14.21 -14.51 -13.33
N LEU B 75 12.94 -14.71 -13.01
CA LEU B 75 12.43 -16.05 -12.78
C LEU B 75 11.83 -16.62 -14.05
N PHE B 76 10.98 -15.85 -14.72
CA PHE B 76 10.37 -16.38 -15.91
C PHE B 76 11.03 -15.84 -17.16
N THR B 77 12.16 -16.44 -17.53
CA THR B 77 12.93 -16.00 -18.69
C THR B 77 12.16 -16.08 -19.99
N TRP B 78 11.19 -16.98 -20.05
CA TRP B 78 10.43 -17.19 -21.26
C TRP B 78 9.01 -16.62 -21.12
N LEU B 79 8.41 -16.78 -19.95
CA LEU B 79 6.98 -16.50 -19.79
C LEU B 79 6.65 -15.01 -19.90
N GLN B 80 7.60 -14.17 -19.51
CA GLN B 80 7.36 -12.73 -19.50
C GLN B 80 6.85 -12.28 -20.86
N GLY B 81 7.40 -12.85 -21.93
CA GLY B 81 6.99 -12.51 -23.28
C GLY B 81 5.50 -12.68 -23.53
N GLN B 82 4.85 -13.53 -22.74
CA GLN B 82 3.40 -13.72 -22.80
C GLN B 82 2.69 -12.91 -21.71
N ALA B 83 3.31 -12.85 -20.55
CA ALA B 83 2.76 -12.16 -19.40
C ALA B 83 2.42 -10.73 -19.75
N GLN B 84 3.25 -10.11 -20.58
CA GLN B 84 3.05 -8.72 -20.97
C GLN B 84 1.67 -8.44 -21.58
N LEU B 85 0.98 -9.48 -22.04
CA LEU B 85 -0.28 -9.29 -22.79
C LEU B 85 -1.54 -9.50 -21.93
N TYR B 86 -1.34 -9.81 -20.66
CA TYR B 86 -2.45 -10.19 -19.79
C TYR B 86 -2.41 -9.49 -18.43
N ASP B 87 -3.58 -9.42 -17.78
CA ASP B 87 -3.71 -8.70 -16.54
C ASP B 87 -3.49 -9.50 -15.27
N MET B 88 -3.84 -10.78 -15.27
CA MET B 88 -3.77 -11.54 -14.05
C MET B 88 -3.37 -12.99 -14.28
N TYR B 89 -2.84 -13.63 -13.24
CA TYR B 89 -2.33 -14.98 -13.36
C TYR B 89 -2.70 -15.82 -12.15
N ARG B 90 -2.70 -17.12 -12.35
CA ARG B 90 -2.86 -18.06 -11.26
C ARG B 90 -2.10 -19.31 -11.62
N PHE B 91 -1.16 -19.71 -10.76
CA PHE B 91 -0.42 -20.95 -10.95
C PHE B 91 -1.21 -22.11 -10.42
N THR B 92 -1.20 -23.19 -11.20
CA THR B 92 -1.98 -24.39 -10.96
C THR B 92 -1.01 -25.47 -10.53
N ARG B 93 0.12 -25.56 -11.23
CA ARG B 93 1.21 -26.46 -10.85
C ARG B 93 2.45 -25.61 -10.90
N LEU B 94 3.41 -25.88 -10.02
CA LEU B 94 4.65 -25.10 -9.98
C LEU B 94 5.75 -25.90 -9.32
N ARG B 95 6.84 -26.14 -10.03
CA ARG B 95 7.99 -26.83 -9.44
C ARG B 95 9.29 -26.29 -9.94
N PHE B 96 10.30 -26.31 -9.08
CA PHE B 96 11.64 -25.86 -9.43
C PHE B 96 12.56 -27.05 -9.51
N THR B 97 13.38 -27.08 -10.56
CA THR B 97 14.24 -28.24 -10.83
C THR B 97 15.69 -27.79 -10.84
N TYR B 98 16.60 -28.67 -10.41
CA TYR B 98 18.03 -28.40 -10.48
C TYR B 98 18.67 -29.55 -11.22
N ILE B 99 19.39 -29.23 -12.29
CA ILE B 99 20.11 -30.26 -13.02
C ILE B 99 21.59 -29.93 -13.01
N PRO B 100 22.43 -30.83 -12.48
CA PRO B 100 23.86 -30.56 -12.39
C PRO B 100 24.50 -30.28 -13.74
N THR B 101 25.55 -29.45 -13.74
CA THR B 101 26.45 -29.29 -14.87
C THR B 101 27.88 -29.47 -14.38
N THR B 102 28.04 -29.93 -13.15
CA THR B 102 29.36 -30.08 -12.57
C THR B 102 29.68 -31.54 -12.39
N GLY B 103 30.91 -31.79 -11.93
CA GLY B 103 31.41 -33.14 -11.74
C GLY B 103 31.04 -33.71 -10.39
N SER B 104 31.18 -35.02 -10.27
CA SER B 104 30.91 -35.74 -9.04
C SER B 104 31.88 -35.41 -7.91
N THR B 105 33.04 -34.82 -8.23
CA THR B 105 34.02 -34.50 -7.20
C THR B 105 33.81 -33.10 -6.64
N SER B 106 32.73 -32.43 -7.05
CA SER B 106 32.40 -31.11 -6.49
C SER B 106 31.75 -31.26 -5.13
N THR B 107 32.24 -30.51 -4.16
CA THR B 107 31.76 -30.60 -2.79
C THR B 107 30.62 -29.61 -2.54
N GLY B 108 29.92 -29.79 -1.42
CA GLY B 108 28.92 -28.83 -0.99
C GLY B 108 27.50 -29.26 -1.27
N ARG B 109 26.61 -28.29 -1.23
CA ARG B 109 25.19 -28.54 -1.44
C ARG B 109 24.57 -27.40 -2.21
N VAL B 110 23.47 -27.70 -2.89
CA VAL B 110 22.66 -26.69 -3.52
C VAL B 110 21.27 -26.80 -2.90
N SER B 111 20.82 -25.70 -2.30
CA SER B 111 19.49 -25.59 -1.71
C SER B 111 18.53 -24.89 -2.64
N ILE B 112 17.32 -25.43 -2.77
CA ILE B 112 16.24 -24.74 -3.47
C ILE B 112 15.08 -24.52 -2.52
N LEU B 113 14.38 -23.41 -2.67
CA LEU B 113 13.64 -22.82 -1.58
C LEU B 113 12.51 -21.92 -2.06
N TRP B 114 11.34 -22.04 -1.40
CA TRP B 114 10.18 -21.19 -1.69
C TRP B 114 9.52 -20.64 -0.41
N ASP B 115 9.39 -19.32 -0.37
CA ASP B 115 8.81 -18.60 0.74
C ASP B 115 7.50 -18.06 0.21
N ARG B 116 6.36 -18.26 0.89
CA ARG B 116 5.13 -17.67 0.31
C ARG B 116 4.99 -16.18 0.51
N ASP B 117 5.94 -15.60 1.23
CA ASP B 117 5.95 -14.18 1.44
C ASP B 117 7.10 -13.62 0.61
N SER B 118 6.77 -12.95 -0.48
CA SER B 118 7.80 -12.47 -1.41
C SER B 118 8.54 -11.25 -0.92
N GLN B 119 8.18 -10.74 0.25
CA GLN B 119 8.83 -9.56 0.81
C GLN B 119 9.75 -9.91 1.97
N ASP B 120 9.72 -11.18 2.40
CA ASP B 120 10.57 -11.64 3.49
C ASP B 120 12.04 -11.54 3.13
N PRO B 121 12.90 -11.22 4.12
CA PRO B 121 14.33 -11.07 3.86
C PRO B 121 14.95 -12.39 3.45
N LEU B 122 16.07 -12.31 2.76
CA LEU B 122 16.82 -13.51 2.40
C LEU B 122 17.45 -14.13 3.64
N PRO B 123 17.49 -15.47 3.71
CA PRO B 123 18.17 -16.07 4.84
C PRO B 123 19.69 -15.89 4.76
N ILE B 124 20.31 -15.87 5.92
CA ILE B 124 21.69 -15.45 6.04
C ILE B 124 22.64 -16.58 6.44
N ASP B 125 22.07 -17.62 7.08
CA ASP B 125 22.82 -18.79 7.54
C ASP B 125 22.10 -20.04 7.09
N ARG B 126 22.84 -21.14 6.96
CA ARG B 126 22.27 -22.39 6.45
C ARG B 126 21.13 -22.96 7.28
N ALA B 127 21.22 -22.83 8.60
CA ALA B 127 20.17 -23.37 9.46
C ALA B 127 18.78 -22.74 9.19
N ALA B 128 18.77 -21.44 8.89
CA ALA B 128 17.54 -20.72 8.59
C ALA B 128 16.84 -21.31 7.37
N ILE B 129 17.62 -21.70 6.37
CA ILE B 129 17.05 -22.33 5.18
C ILE B 129 16.18 -23.53 5.54
N SER B 130 16.63 -24.33 6.50
CA SER B 130 15.89 -25.51 6.95
C SER B 130 14.64 -25.20 7.74
N SER B 131 14.46 -23.95 8.13
CA SER B 131 13.27 -23.57 8.86
C SER B 131 12.05 -23.44 7.97
N TYR B 132 12.29 -23.23 6.68
CA TYR B 132 11.25 -23.10 5.68
C TYR B 132 10.55 -24.43 5.45
N ALA B 133 9.24 -24.33 5.21
CA ALA B 133 8.42 -25.50 4.99
C ALA B 133 8.71 -26.14 3.63
N HIS B 134 8.93 -25.27 2.64
CA HIS B 134 9.17 -25.73 1.27
C HIS B 134 10.58 -25.49 0.79
N TYR B 135 11.46 -26.44 1.06
CA TYR B 135 12.79 -26.44 0.50
C TYR B 135 13.29 -27.84 0.20
N ALA B 136 14.32 -27.91 -0.64
CA ALA B 136 15.02 -29.15 -0.93
C ALA B 136 16.49 -28.84 -1.11
N ASP B 137 17.33 -29.82 -0.85
CA ASP B 137 18.75 -29.63 -0.70
C ASP B 137 19.42 -30.92 -1.14
N SER B 138 20.49 -30.79 -1.92
CA SER B 138 21.19 -31.95 -2.48
C SER B 138 22.62 -31.61 -2.86
N ALA B 139 23.37 -32.64 -3.21
CA ALA B 139 24.69 -32.50 -3.77
C ALA B 139 24.62 -31.70 -5.06
N PRO B 140 25.72 -31.01 -5.42
CA PRO B 140 25.77 -30.27 -6.68
C PRO B 140 25.74 -31.22 -7.87
N TRP B 141 26.15 -32.47 -7.65
CA TRP B 141 26.19 -33.43 -8.73
C TRP B 141 24.89 -34.21 -8.87
N ALA B 142 23.88 -33.87 -8.06
CA ALA B 142 22.60 -34.59 -8.12
C ALA B 142 21.41 -33.74 -8.56
N GLU B 143 20.58 -34.27 -9.45
CA GLU B 143 19.29 -33.65 -9.78
C GLU B 143 18.45 -33.52 -8.52
N ASN B 144 17.67 -32.45 -8.48
CA ASN B 144 16.81 -32.15 -7.34
C ASN B 144 15.59 -31.44 -7.83
N VAL B 145 14.52 -31.50 -7.03
CA VAL B 145 13.24 -30.90 -7.40
C VAL B 145 12.57 -30.34 -6.15
N LEU B 146 11.81 -29.27 -6.31
CA LEU B 146 11.01 -28.70 -5.24
C LEU B 146 9.64 -28.39 -5.80
N VAL B 147 8.62 -29.08 -5.28
CA VAL B 147 7.25 -28.91 -5.74
C VAL B 147 6.56 -27.94 -4.80
N VAL B 148 5.98 -26.88 -5.34
CA VAL B 148 5.24 -25.91 -4.55
C VAL B 148 3.74 -26.13 -4.74
N PRO B 149 3.00 -26.31 -3.64
CA PRO B 149 1.55 -26.53 -3.78
C PRO B 149 0.86 -25.20 -4.07
N CYS B 150 0.14 -25.12 -5.17
CA CYS B 150 -0.43 -23.87 -5.63
C CYS B 150 -1.77 -23.61 -4.98
N ASP B 151 -2.19 -22.36 -4.94
CA ASP B 151 -3.48 -22.02 -4.36
C ASP B 151 -4.50 -21.62 -5.42
N ASN B 152 -5.65 -21.13 -5.01
CA ASN B 152 -6.70 -20.82 -5.97
C ASN B 152 -6.83 -19.33 -6.24
N THR B 153 -5.94 -18.51 -5.68
CA THR B 153 -6.18 -17.07 -5.81
C THR B 153 -5.51 -16.44 -7.03
N TRP B 154 -6.26 -15.57 -7.70
CA TRP B 154 -5.76 -14.80 -8.81
C TRP B 154 -4.99 -13.60 -8.30
N ARG B 155 -3.86 -13.30 -8.92
CA ARG B 155 -3.20 -12.05 -8.58
C ARG B 155 -2.74 -11.29 -9.82
N TYR B 156 -2.46 -10.00 -9.64
CA TYR B 156 -2.18 -9.09 -10.74
C TYR B 156 -0.81 -9.26 -11.36
N MET B 157 -0.78 -9.20 -12.71
CA MET B 157 0.44 -9.38 -13.50
C MET B 157 1.46 -8.30 -13.20
N ASN B 158 1.11 -7.02 -13.35
CA ASN B 158 2.04 -5.98 -12.92
C ASN B 158 2.18 -5.89 -11.41
N ASP B 159 3.42 -6.10 -10.95
CA ASP B 159 3.76 -5.84 -9.54
C ASP B 159 4.70 -4.63 -9.37
N THR B 160 5.13 -4.03 -10.50
CA THR B 160 6.15 -2.97 -10.52
C THR B 160 5.69 -1.64 -9.89
N ASN B 161 4.40 -1.33 -9.99
CA ASN B 161 3.88 -0.22 -9.19
C ASN B 161 3.75 -0.63 -7.70
N ALA B 162 3.21 -1.83 -7.44
CA ALA B 162 2.79 -2.32 -6.11
C ALA B 162 3.81 -2.24 -4.99
N VAL B 163 3.35 -1.85 -3.80
CA VAL B 163 4.23 -1.68 -2.64
C VAL B 163 4.26 -2.95 -1.78
N ASP B 164 3.08 -3.46 -1.43
CA ASP B 164 2.96 -4.72 -0.70
C ASP B 164 2.97 -5.89 -1.70
N ARG B 165 4.16 -6.17 -2.19
CA ARG B 165 4.34 -7.11 -3.27
C ARG B 165 3.92 -8.54 -2.94
N LYS B 166 3.83 -8.89 -1.68
CA LYS B 166 3.39 -10.23 -1.31
C LYS B 166 1.95 -10.46 -1.78
N LEU B 167 1.21 -9.39 -1.95
CA LEU B 167 -0.21 -9.51 -2.33
C LEU B 167 -0.38 -9.65 -3.83
N VAL B 168 0.72 -9.54 -4.56
CA VAL B 168 0.68 -9.61 -6.02
C VAL B 168 1.63 -10.68 -6.54
N ASP B 169 2.40 -11.26 -5.63
CA ASP B 169 3.27 -12.39 -5.94
C ASP B 169 2.81 -13.66 -5.24
N PHE B 170 3.01 -14.80 -5.89
CA PHE B 170 2.82 -16.08 -5.23
C PHE B 170 4.13 -16.51 -4.60
N GLY B 171 4.55 -15.76 -3.59
CA GLY B 171 5.80 -16.02 -2.87
C GLY B 171 7.04 -15.69 -3.70
N GLN B 172 8.18 -16.11 -3.19
CA GLN B 172 9.44 -15.95 -3.91
C GLN B 172 10.26 -17.24 -3.86
N PHE B 173 10.95 -17.49 -4.96
CA PHE B 173 11.88 -18.60 -5.05
C PHE B 173 13.26 -18.11 -4.63
N LEU B 174 14.04 -18.98 -3.99
CA LEU B 174 15.42 -18.66 -3.63
C LEU B 174 16.23 -19.90 -3.83
N PHE B 175 17.51 -19.73 -4.14
CA PHE B 175 18.44 -20.84 -4.14
C PHE B 175 19.65 -20.47 -3.34
N ALA B 176 20.36 -21.47 -2.82
CA ALA B 176 21.56 -21.19 -2.07
C ALA B 176 22.58 -22.28 -2.31
N THR B 177 23.84 -21.97 -2.02
CA THR B 177 24.88 -22.97 -2.08
C THR B 177 25.94 -22.66 -1.03
N TYR B 178 26.61 -23.69 -0.55
CA TYR B 178 27.65 -23.50 0.46
C TYR B 178 28.58 -24.71 0.41
N SER B 179 29.73 -24.61 1.07
CA SER B 179 30.65 -25.74 1.21
C SER B 179 31.24 -26.18 -0.12
N GLY B 180 31.29 -25.27 -1.08
CA GLY B 180 31.82 -25.60 -2.41
C GLY B 180 32.97 -24.70 -2.79
N ALA B 181 33.54 -24.96 -3.96
CA ALA B 181 34.64 -24.17 -4.52
C ALA B 181 34.67 -24.28 -6.04
N GLY B 182 35.32 -23.33 -6.71
CA GLY B 182 35.49 -23.37 -8.17
C GLY B 182 34.76 -22.24 -8.89
N ALA B 183 35.16 -22.00 -10.14
CA ALA B 183 34.54 -20.94 -10.94
C ALA B 183 33.44 -21.51 -11.84
N THR B 184 33.54 -22.80 -12.12
CA THR B 184 32.60 -23.50 -12.97
C THR B 184 31.28 -23.80 -12.22
N ALA B 185 30.16 -23.37 -12.79
CA ALA B 185 28.87 -23.45 -12.11
C ALA B 185 28.48 -24.86 -11.79
N HIS B 186 27.82 -25.05 -10.64
CA HIS B 186 27.39 -26.38 -10.18
C HIS B 186 26.32 -27.02 -11.06
N GLY B 187 25.32 -26.24 -11.42
CA GLY B 187 24.21 -26.75 -12.19
C GLY B 187 23.23 -25.63 -12.42
N ASP B 188 22.17 -25.97 -13.13
CA ASP B 188 21.22 -24.98 -13.57
C ASP B 188 19.89 -25.21 -12.89
N LEU B 189 19.19 -24.11 -12.64
CA LEU B 189 17.86 -24.16 -12.08
C LEU B 189 16.83 -23.90 -13.15
N TYR B 190 15.68 -24.51 -13.03
CA TYR B 190 14.60 -24.34 -14.00
C TYR B 190 13.28 -24.22 -13.27
N VAL B 191 12.31 -23.56 -13.89
CA VAL B 191 10.95 -23.54 -13.34
C VAL B 191 10.02 -24.23 -14.33
N GLU B 192 9.16 -25.11 -13.83
CA GLU B 192 8.13 -25.73 -14.66
C GLU B 192 6.82 -25.50 -13.98
N TYR B 193 5.83 -25.14 -14.78
CA TYR B 193 4.59 -24.66 -14.23
C TYR B 193 3.46 -24.90 -15.20
N ALA B 194 2.25 -24.83 -14.67
CA ALA B 194 1.04 -24.68 -15.45
C ALA B 194 0.39 -23.43 -14.87
N VAL B 195 0.17 -22.44 -15.70
CA VAL B 195 -0.34 -21.16 -15.21
C VAL B 195 -1.55 -20.73 -16.02
N GLU B 196 -2.49 -20.02 -15.38
CA GLU B 196 -3.62 -19.45 -16.09
C GLU B 196 -3.43 -17.95 -16.22
N PHE B 197 -3.69 -17.40 -17.41
CA PHE B 197 -3.73 -15.95 -17.56
C PHE B 197 -5.18 -15.56 -17.78
N LYS B 198 -5.53 -14.34 -17.37
CA LYS B 198 -6.93 -13.94 -17.43
C LYS B 198 -7.30 -12.91 -18.47
N ASP B 199 -6.80 -11.68 -18.39
CA ASP B 199 -7.36 -10.69 -19.33
C ASP B 199 -6.39 -10.10 -20.34
N PRO B 200 -6.65 -10.31 -21.64
CA PRO B 200 -5.85 -9.59 -22.64
C PRO B 200 -5.85 -8.08 -22.39
N GLN B 201 -4.68 -7.49 -22.50
CA GLN B 201 -4.51 -6.06 -22.29
C GLN B 201 -3.57 -5.48 -23.36
N PRO B 202 -3.47 -4.14 -23.45
CA PRO B 202 -2.37 -3.53 -24.20
C PRO B 202 -1.06 -4.08 -23.70
N ILE B 203 -0.14 -4.36 -24.62
CA ILE B 203 1.12 -4.99 -24.24
C ILE B 203 1.94 -4.13 -23.27
N ALA B 204 2.52 -4.77 -22.27
CA ALA B 204 3.42 -4.08 -21.35
C ALA B 204 4.77 -3.85 -22.02
N GLY B 205 5.09 -4.67 -23.02
CA GLY B 205 6.34 -4.50 -23.77
C GLY B 205 7.48 -5.32 -23.20
N MET B 206 8.51 -5.54 -24.02
CA MET B 206 9.64 -6.35 -23.62
C MET B 206 10.87 -5.51 -23.47
N VAL B 207 10.69 -4.21 -23.43
CA VAL B 207 11.85 -3.34 -23.33
C VAL B 207 12.03 -2.82 -21.93
N CYS B 208 13.29 -2.66 -21.55
CA CYS B 208 13.70 -2.06 -20.30
C CYS B 208 14.39 -0.74 -20.59
N MET B 209 14.02 0.31 -19.87
CA MET B 209 14.71 1.59 -20.01
C MET B 209 15.42 1.99 -18.73
N PHE B 210 16.72 2.21 -18.83
CA PHE B 210 17.55 2.60 -17.71
C PHE B 210 18.02 4.05 -17.86
N ASP B 211 18.05 4.78 -16.75
CA ASP B 211 18.50 6.16 -16.79
C ASP B 211 19.20 6.57 -15.50
N ARG B 212 20.49 6.91 -15.59
CA ARG B 212 21.22 7.46 -14.44
C ARG B 212 21.84 8.85 -14.68
N LEU B 213 21.54 9.79 -13.79
CA LEU B 213 22.16 11.11 -13.81
C LEU B 213 23.45 11.01 -13.01
N VAL B 214 24.51 10.55 -13.66
CA VAL B 214 25.75 10.24 -12.94
C VAL B 214 26.40 11.49 -12.33
N SER B 215 26.18 12.64 -12.97
CA SER B 215 26.57 13.94 -12.41
C SER B 215 25.95 14.18 -11.02
N PHE B 216 24.74 13.66 -10.79
CA PHE B 216 24.12 13.75 -9.48
C PHE B 216 24.74 12.70 -8.55
N SER B 217 24.81 11.45 -9.01
CA SER B 217 25.39 10.37 -8.22
C SER B 217 25.76 9.20 -9.11
N GLU B 218 26.80 8.47 -8.72
CA GLU B 218 27.25 7.29 -9.45
C GLU B 218 26.40 6.04 -9.17
N VAL B 219 25.45 6.18 -8.25
CA VAL B 219 24.47 5.13 -7.97
C VAL B 219 23.06 5.70 -8.08
N GLY B 220 22.06 4.84 -7.95
CA GLY B 220 20.65 5.23 -8.13
C GLY B 220 20.35 5.39 -9.60
N SER B 221 19.07 5.28 -9.96
CA SER B 221 18.63 5.35 -11.35
C SER B 221 17.13 5.27 -11.44
N THR B 222 16.57 5.68 -12.56
CA THR B 222 15.19 5.34 -12.89
C THR B 222 15.20 4.17 -13.88
N ILE B 223 14.55 3.07 -13.51
CA ILE B 223 14.43 1.92 -14.40
C ILE B 223 12.96 1.69 -14.66
N LYS B 224 12.58 1.60 -15.93
CA LYS B 224 11.20 1.31 -16.31
C LYS B 224 11.13 0.11 -17.27
N GLY B 225 9.96 -0.53 -17.31
CA GLY B 225 9.74 -1.72 -18.16
C GLY B 225 10.20 -3.00 -17.50
N VAL B 226 10.69 -3.96 -18.28
CA VAL B 226 11.00 -5.25 -17.69
C VAL B 226 12.33 -5.24 -16.94
N ASN B 227 12.37 -5.99 -15.85
CA ASN B 227 13.48 -5.98 -14.92
C ASN B 227 14.67 -6.82 -15.38
N TYR B 228 15.25 -6.49 -16.54
CA TYR B 228 16.47 -7.17 -16.97
C TYR B 228 17.63 -6.82 -16.04
N ILE B 229 17.68 -5.56 -15.64
CA ILE B 229 18.73 -5.08 -14.77
C ILE B 229 18.16 -4.35 -13.57
N ALA B 230 18.98 -4.23 -12.53
CA ALA B 230 18.66 -3.42 -11.36
C ALA B 230 19.83 -2.50 -11.16
N ASP B 231 19.60 -1.42 -10.42
CA ASP B 231 20.62 -0.38 -10.24
C ASP B 231 22.08 -0.85 -10.09
N ARG B 232 22.33 -1.74 -9.15
CA ARG B 232 23.66 -2.32 -8.90
C ARG B 232 24.29 -3.03 -10.12
N ASP B 233 23.48 -3.34 -11.13
CA ASP B 233 23.95 -4.01 -12.34
C ASP B 233 24.65 -3.07 -13.32
N VAL B 234 24.45 -1.77 -13.14
CA VAL B 234 25.13 -0.77 -13.96
C VAL B 234 26.14 -0.04 -13.07
N ILE B 235 27.41 -0.34 -13.32
CA ILE B 235 28.53 0.28 -12.62
C ILE B 235 29.05 1.43 -13.45
N THR B 236 29.19 2.58 -12.81
CA THR B 236 29.46 3.83 -13.48
C THR B 236 30.50 4.64 -12.68
N THR B 237 31.78 4.28 -12.85
CA THR B 237 32.84 4.80 -11.96
C THR B 237 34.26 4.67 -12.53
N GLY B 238 35.16 5.54 -12.05
CA GLY B 238 36.58 5.50 -12.40
C GLY B 238 36.87 5.51 -13.90
N GLY B 239 36.03 6.19 -14.67
CA GLY B 239 36.20 6.25 -16.12
C GLY B 239 35.76 4.99 -16.86
N ASN B 240 35.05 4.11 -16.17
CA ASN B 240 34.46 2.92 -16.79
C ASN B 240 32.95 2.91 -16.69
N ILE B 241 32.31 2.28 -17.67
CA ILE B 241 30.91 1.89 -17.59
C ILE B 241 30.79 0.39 -17.83
N GLY B 242 30.26 -0.31 -16.86
CA GLY B 242 29.96 -1.72 -17.03
C GLY B 242 28.49 -1.97 -16.76
N VAL B 243 27.84 -2.73 -17.64
CA VAL B 243 26.47 -3.19 -17.37
C VAL B 243 26.37 -4.72 -17.39
N ASN B 244 25.70 -5.27 -16.38
CA ASN B 244 25.56 -6.71 -16.24
C ASN B 244 24.13 -7.18 -16.49
N ILE B 245 23.93 -7.92 -17.55
CA ILE B 245 22.67 -8.56 -17.80
C ILE B 245 22.81 -10.00 -17.26
N ASN B 246 22.43 -10.17 -15.99
CA ASN B 246 22.55 -11.45 -15.35
C ASN B 246 21.27 -12.26 -15.43
N ILE B 247 20.67 -12.27 -16.61
CA ILE B 247 19.52 -13.08 -16.90
C ILE B 247 19.80 -13.65 -18.29
N PRO B 248 19.77 -14.98 -18.43
CA PRO B 248 20.22 -15.61 -19.68
C PRO B 248 19.33 -15.18 -20.84
N GLY B 249 19.93 -15.05 -22.02
CA GLY B 249 19.16 -14.72 -23.20
C GLY B 249 19.94 -13.90 -24.21
N THR B 250 19.25 -13.47 -25.25
CA THR B 250 19.81 -12.62 -26.28
C THR B 250 19.08 -11.30 -26.17
N TYR B 251 19.84 -10.21 -26.20
CA TYR B 251 19.26 -8.89 -26.00
C TYR B 251 19.70 -7.88 -27.06
N LEU B 252 18.85 -6.89 -27.31
CA LEU B 252 19.20 -5.73 -28.10
C LEU B 252 19.43 -4.54 -27.18
N VAL B 253 20.59 -3.93 -27.24
CA VAL B 253 20.78 -2.75 -26.40
C VAL B 253 21.10 -1.48 -27.21
N THR B 254 20.75 -0.34 -26.63
CA THR B 254 21.18 0.96 -27.10
C THR B 254 21.53 1.78 -25.85
N ILE B 255 22.82 2.15 -25.72
CA ILE B 255 23.25 3.06 -24.63
C ILE B 255 23.62 4.38 -25.29
N VAL B 256 23.05 5.45 -24.76
CA VAL B 256 23.44 6.80 -25.11
C VAL B 256 24.16 7.40 -23.90
N LEU B 257 25.37 7.90 -24.15
CA LEU B 257 26.27 8.36 -23.12
C LEU B 257 26.45 9.87 -23.26
N ASN B 258 26.22 10.59 -22.17
CA ASN B 258 26.60 12.00 -22.10
C ASN B 258 27.98 12.11 -21.44
N ALA B 259 28.98 12.38 -22.27
CA ALA B 259 30.39 12.33 -21.89
C ALA B 259 31.23 12.96 -23.00
N THR B 260 32.32 13.61 -22.60
CA THR B 260 33.24 14.27 -23.52
C THR B 260 33.75 13.29 -24.57
N SER B 261 34.30 12.18 -24.11
CA SER B 261 34.80 11.13 -25.01
C SER B 261 34.69 9.76 -24.34
N ILE B 262 34.68 8.71 -25.16
CA ILE B 262 34.67 7.35 -24.65
C ILE B 262 35.74 6.54 -25.39
N GLY B 263 36.15 5.42 -24.82
CA GLY B 263 37.15 4.57 -25.46
C GLY B 263 36.52 3.39 -26.15
N SER B 264 36.82 2.19 -25.63
CA SER B 264 36.40 0.94 -26.26
C SER B 264 35.19 0.22 -25.64
N LEU B 265 34.37 -0.38 -26.48
CA LEU B 265 33.33 -1.29 -26.06
C LEU B 265 33.94 -2.66 -25.97
N THR B 266 33.85 -3.31 -24.81
CA THR B 266 34.39 -4.67 -24.66
C THR B 266 33.38 -5.69 -24.14
N PHE B 267 33.62 -6.95 -24.46
CA PHE B 267 32.75 -8.05 -24.05
C PHE B 267 33.55 -9.14 -23.38
N THR B 268 34.05 -8.86 -22.18
CA THR B 268 34.98 -9.78 -21.51
C THR B 268 34.31 -10.56 -20.36
N GLY B 269 32.98 -10.51 -20.30
CA GLY B 269 32.25 -11.17 -19.23
C GLY B 269 31.34 -12.30 -19.69
N ASN B 270 30.10 -12.26 -19.22
CA ASN B 270 29.15 -13.33 -19.47
C ASN B 270 28.40 -13.22 -20.79
N SER B 271 28.79 -12.28 -21.64
CA SER B 271 28.06 -12.03 -22.87
C SER B 271 28.99 -11.92 -24.07
N LYS B 272 28.47 -12.28 -25.23
CA LYS B 272 29.21 -12.19 -26.49
C LYS B 272 28.42 -11.34 -27.46
N LEU B 273 29.12 -10.51 -28.22
CA LEU B 273 28.52 -9.68 -29.27
C LEU B 273 27.95 -10.61 -30.32
N VAL B 274 26.77 -10.27 -30.82
CA VAL B 274 26.15 -11.01 -31.91
C VAL B 274 26.06 -10.07 -33.07
N GLY B 275 26.73 -10.44 -34.16
CA GLY B 275 26.77 -9.59 -35.34
C GLY B 275 27.60 -8.35 -35.10
N ASN B 276 27.17 -7.24 -35.68
CA ASN B 276 27.98 -6.05 -35.62
C ASN B 276 27.54 -5.07 -34.58
N SER B 277 28.51 -4.39 -34.00
CA SER B 277 28.26 -3.30 -33.08
C SER B 277 28.32 -1.95 -33.82
N LEU B 278 27.32 -1.11 -33.59
CA LEU B 278 27.21 0.18 -34.25
C LEU B 278 27.50 1.28 -33.26
N ASN B 279 28.62 1.98 -33.51
CA ASN B 279 29.15 2.96 -32.57
C ASN B 279 29.26 4.34 -33.18
N VAL B 280 28.64 5.31 -32.53
CA VAL B 280 28.72 6.70 -32.94
C VAL B 280 29.28 7.53 -31.79
N THR B 281 30.47 8.11 -31.99
CA THR B 281 31.11 8.96 -30.98
C THR B 281 31.25 10.42 -31.44
N SER B 282 30.98 11.33 -30.51
CA SER B 282 31.11 12.76 -30.76
C SER B 282 31.64 13.42 -29.49
N SER B 283 32.01 14.69 -29.59
CA SER B 283 32.39 15.43 -28.40
C SER B 283 31.15 15.78 -27.62
N GLY B 284 30.98 15.17 -26.45
CA GLY B 284 29.84 15.46 -25.56
C GLY B 284 28.80 14.34 -25.44
N ALA B 285 28.75 13.49 -26.46
CA ALA B 285 27.78 12.40 -26.53
C ALA B 285 28.23 11.22 -27.37
N SER B 286 27.85 10.01 -26.95
CA SER B 286 28.11 8.79 -27.72
C SER B 286 26.89 7.88 -27.71
N ALA B 287 26.73 7.10 -28.77
CA ALA B 287 25.68 6.09 -28.84
C ALA B 287 26.24 4.77 -29.38
N LEU B 288 25.96 3.69 -28.65
CA LEU B 288 26.28 2.37 -29.11
C LEU B 288 25.02 1.53 -29.14
N THR B 289 24.85 0.74 -30.18
CA THR B 289 23.72 -0.16 -30.29
C THR B 289 24.21 -1.48 -30.86
N PHE B 290 23.76 -2.58 -30.28
CA PHE B 290 24.24 -3.92 -30.63
C PHE B 290 23.34 -4.95 -29.97
N THR B 291 23.35 -6.17 -30.50
CA THR B 291 22.67 -7.24 -29.78
C THR B 291 23.72 -8.20 -29.20
N LEU B 292 23.57 -8.56 -27.93
CA LEU B 292 24.49 -9.50 -27.30
C LEU B 292 23.79 -10.77 -26.85
N ASN B 293 24.58 -11.77 -26.47
CA ASN B 293 24.07 -13.04 -26.02
C ASN B 293 24.63 -13.32 -24.62
N SER B 294 23.77 -13.22 -23.63
CA SER B 294 24.23 -13.37 -22.25
C SER B 294 24.02 -14.78 -21.72
N THR B 295 24.99 -15.20 -20.93
CA THR B 295 25.00 -16.51 -20.32
C THR B 295 24.16 -16.40 -19.04
N GLY B 296 23.95 -15.16 -18.60
CA GLY B 296 23.15 -14.88 -17.43
C GLY B 296 23.91 -14.99 -16.12
N VAL B 297 25.04 -15.69 -16.14
CA VAL B 297 25.78 -15.93 -14.90
C VAL B 297 26.63 -14.73 -14.52
N PRO B 298 26.45 -14.23 -13.28
CA PRO B 298 27.10 -13.00 -12.87
C PRO B 298 28.62 -13.16 -12.77
N ASN B 299 29.32 -12.09 -13.14
CA ASN B 299 30.77 -12.02 -13.07
C ASN B 299 31.13 -10.70 -12.40
N SER B 300 31.83 -10.78 -11.27
CA SER B 300 32.12 -9.58 -10.47
C SER B 300 33.34 -8.79 -10.96
N SER B 301 34.13 -9.40 -11.85
CA SER B 301 35.30 -8.73 -12.43
C SER B 301 34.98 -8.08 -13.79
N ASN B 302 34.23 -8.77 -14.64
CA ASN B 302 33.92 -8.29 -15.98
C ASN B 302 32.42 -8.20 -16.21
N SER B 303 31.94 -7.05 -16.66
CA SER B 303 30.51 -6.87 -16.94
C SER B 303 30.08 -7.53 -18.25
N SER B 304 28.78 -7.51 -18.53
CA SER B 304 28.27 -8.12 -19.76
C SER B 304 28.83 -7.39 -20.95
N PHE B 305 28.81 -6.06 -20.87
CA PHE B 305 29.61 -5.22 -21.73
C PHE B 305 30.16 -4.03 -20.95
N SER B 306 31.32 -3.55 -21.38
CA SER B 306 31.96 -2.40 -20.74
C SER B 306 32.35 -1.40 -21.78
N VAL B 307 32.31 -0.13 -21.39
CA VAL B 307 32.95 0.89 -22.20
C VAL B 307 33.99 1.64 -21.37
N GLY B 308 35.21 1.66 -21.90
CA GLY B 308 36.37 2.17 -21.16
C GLY B 308 36.81 3.59 -21.48
N THR B 309 37.80 4.07 -20.72
CA THR B 309 38.33 5.44 -20.85
C THR B 309 37.24 6.48 -21.17
N VAL B 310 36.30 6.60 -20.23
CA VAL B 310 35.16 7.49 -20.34
C VAL B 310 35.42 8.75 -19.55
N VAL B 311 35.31 9.90 -20.21
CA VAL B 311 35.73 11.18 -19.64
C VAL B 311 34.52 12.04 -19.34
N ALA B 312 34.37 12.42 -18.07
CA ALA B 312 33.30 13.33 -17.63
C ALA B 312 31.92 12.82 -18.04
N LEU B 313 31.57 11.65 -17.51
CA LEU B 313 30.26 11.04 -17.72
C LEU B 313 29.27 11.82 -16.90
N THR B 314 28.28 12.43 -17.54
CA THR B 314 27.21 13.10 -16.80
C THR B 314 25.96 12.24 -16.72
N ARG B 315 25.65 11.52 -17.80
CA ARG B 315 24.37 10.81 -17.92
C ARG B 315 24.47 9.50 -18.72
N VAL B 316 23.77 8.48 -18.24
CA VAL B 316 23.62 7.21 -18.97
C VAL B 316 22.14 6.93 -19.20
N ARG B 317 21.77 6.77 -20.46
CA ARG B 317 20.41 6.38 -20.83
C ARG B 317 20.48 5.20 -21.76
N MET B 318 19.66 4.19 -21.48
CA MET B 318 19.83 2.91 -22.13
C MET B 318 18.52 2.18 -22.29
N THR B 319 18.52 1.29 -23.27
CA THR B 319 17.36 0.52 -23.65
C THR B 319 17.79 -0.96 -23.83
N ILE B 320 17.13 -1.88 -23.13
CA ILE B 320 17.47 -3.29 -23.27
C ILE B 320 16.20 -4.06 -23.58
N THR B 321 16.28 -4.94 -24.57
CA THR B 321 15.11 -5.67 -25.04
C THR B 321 15.50 -7.11 -25.34
N ARG B 322 14.81 -8.05 -24.71
CA ARG B 322 15.03 -9.45 -25.06
C ARG B 322 14.61 -9.65 -26.51
N CYS B 323 15.33 -10.48 -27.23
CA CYS B 323 15.00 -10.77 -28.62
C CYS B 323 15.66 -12.08 -29.07
N SER B 324 15.60 -12.36 -30.38
CA SER B 324 16.34 -13.46 -30.96
C SER B 324 17.57 -12.89 -31.65
N PRO B 325 18.55 -13.74 -32.00
CA PRO B 325 19.73 -13.28 -32.76
C PRO B 325 19.49 -12.92 -34.24
N GLU B 326 18.27 -13.10 -34.75
CA GLU B 326 18.03 -12.90 -36.19
C GLU B 326 18.07 -11.43 -36.55
N THR B 327 17.87 -10.58 -35.55
CA THR B 327 17.80 -9.15 -35.76
C THR B 327 19.11 -8.45 -35.44
N ALA B 328 20.19 -9.22 -35.32
CA ALA B 328 21.52 -8.64 -35.07
C ALA B 328 21.91 -7.76 -36.23
N TYR B 329 22.70 -6.72 -35.94
CA TYR B 329 23.14 -5.78 -36.96
C TYR B 329 24.20 -6.41 -37.84
N LEU B 330 24.25 -5.98 -39.09
CA LEU B 330 25.16 -6.54 -40.08
C LEU B 330 26.44 -5.72 -40.22
N ALA B 331 27.52 -6.39 -40.62
CA ALA B 331 28.75 -5.72 -41.03
C ALA B 331 28.58 -5.24 -42.47
N ASN C 1 -23.87 -19.50 46.18
CA ASN C 1 -25.29 -19.96 46.45
C ASN C 1 -26.35 -18.92 46.06
N ILE C 2 -27.49 -19.41 45.58
CA ILE C 2 -28.60 -18.54 45.26
C ILE C 2 -29.30 -18.09 46.55
N SER C 3 -29.65 -16.81 46.63
CA SER C 3 -30.44 -16.32 47.76
C SER C 3 -31.80 -15.84 47.28
N TYR C 4 -32.76 -15.76 48.20
CA TYR C 4 -34.04 -15.14 47.88
C TYR C 4 -33.93 -13.64 48.07
N THR C 5 -34.50 -12.85 47.18
CA THR C 5 -34.42 -11.42 47.36
C THR C 5 -35.66 -10.90 48.09
N GLU C 6 -35.44 -10.21 49.21
CA GLU C 6 -36.51 -9.60 49.99
C GLU C 6 -37.32 -8.61 49.17
N GLY C 7 -38.63 -8.77 49.23
CA GLY C 7 -39.55 -7.79 48.64
C GLY C 7 -39.80 -7.97 47.17
N ALA C 8 -39.27 -9.06 46.59
CA ALA C 8 -39.57 -9.38 45.21
C ALA C 8 -40.65 -10.44 45.12
N LYS C 9 -41.61 -10.21 44.23
CA LYS C 9 -42.51 -11.27 43.81
C LYS C 9 -41.78 -12.07 42.72
N PRO C 10 -42.31 -13.26 42.34
CA PRO C 10 -41.67 -14.08 41.30
C PRO C 10 -41.40 -13.33 40.00
N GLY C 11 -40.27 -13.63 39.36
CA GLY C 11 -39.94 -13.05 38.05
C GLY C 11 -39.50 -11.61 38.04
N ALA C 12 -39.14 -11.06 39.20
CA ALA C 12 -38.63 -9.69 39.28
C ALA C 12 -37.18 -9.63 38.79
N ILE C 13 -36.75 -8.43 38.39
CA ILE C 13 -35.33 -8.21 38.17
C ILE C 13 -34.77 -7.42 39.33
N SER C 14 -33.50 -7.67 39.64
CA SER C 14 -32.84 -6.95 40.71
C SER C 14 -31.49 -6.40 40.25
N ALA C 15 -31.07 -5.32 40.86
CA ALA C 15 -29.73 -4.82 40.66
C ALA C 15 -28.97 -5.07 41.95
N PRO C 16 -27.85 -5.81 41.87
CA PRO C 16 -27.01 -6.03 43.04
C PRO C 16 -26.04 -4.86 43.16
N VAL C 17 -25.22 -4.81 44.21
CA VAL C 17 -24.24 -3.72 44.28
C VAL C 17 -23.14 -3.92 43.25
N ALA C 18 -22.82 -5.17 42.95
CA ALA C 18 -21.76 -5.48 41.97
C ALA C 18 -21.91 -6.87 41.41
N ILE C 19 -21.48 -7.05 40.16
CA ILE C 19 -21.50 -8.35 39.48
C ILE C 19 -20.07 -8.74 39.13
N SER C 20 -19.74 -10.01 39.30
CA SER C 20 -18.41 -10.47 38.88
C SER C 20 -18.41 -11.88 38.32
N ARG C 21 -17.25 -12.28 37.83
CA ARG C 21 -17.02 -13.61 37.30
C ARG C 21 -15.56 -13.95 37.54
N ARG C 22 -15.30 -15.13 38.09
CA ARG C 22 -13.95 -15.60 38.28
C ARG C 22 -13.31 -15.87 36.91
N VAL C 23 -12.03 -15.53 36.77
CA VAL C 23 -11.29 -15.89 35.57
C VAL C 23 -10.16 -16.79 36.00
N ALA C 24 -9.99 -17.90 35.30
CA ALA C 24 -8.91 -18.81 35.61
C ALA C 24 -8.05 -19.12 34.39
N GLY C 25 -6.76 -19.29 34.63
CA GLY C 25 -5.81 -19.73 33.60
C GLY C 25 -6.24 -21.05 33.00
N MET C 26 -6.05 -21.16 31.69
CA MET C 26 -6.42 -22.33 30.93
C MET C 26 -5.27 -22.43 29.95
N LYS C 27 -4.55 -23.53 29.95
CA LYS C 27 -3.47 -23.64 28.98
C LYS C 27 -4.03 -23.80 27.56
N PRO C 28 -3.33 -23.25 26.55
CA PRO C 28 -3.78 -23.31 25.16
C PRO C 28 -4.00 -24.73 24.67
N ARG C 29 -5.01 -24.93 23.85
CA ARG C 29 -5.23 -26.23 23.23
C ARG C 29 -4.66 -26.21 21.83
N PHE C 30 -4.11 -27.33 21.40
CA PHE C 30 -3.59 -27.45 20.05
C PHE C 30 -4.38 -28.48 19.30
N VAL C 31 -4.79 -28.14 18.08
CA VAL C 31 -5.83 -28.89 17.39
C VAL C 31 -5.45 -29.15 15.91
N ARG C 32 -6.10 -30.14 15.31
CA ARG C 32 -5.97 -30.48 13.89
C ARG C 32 -6.21 -29.24 12.99
N SER C 33 -5.42 -29.11 11.93
CA SER C 33 -5.53 -27.95 11.04
C SER C 33 -5.13 -28.25 9.60
N GLU C 34 -5.76 -27.55 8.65
CA GLU C 34 -5.32 -27.51 7.24
C GLU C 34 -3.85 -27.10 7.15
N GLY C 35 -3.46 -26.12 7.97
CA GLY C 35 -2.08 -25.70 8.09
C GLY C 35 -1.32 -26.45 9.18
N SER C 36 -0.31 -25.79 9.73
CA SER C 36 0.59 -26.43 10.67
C SER C 36 -0.05 -26.74 12.02
N VAL C 37 -0.93 -25.87 12.48
CA VAL C 37 -1.43 -25.93 13.85
C VAL C 37 -2.59 -24.98 14.10
N LYS C 38 -3.52 -25.39 14.93
CA LYS C 38 -4.61 -24.53 15.36
C LYS C 38 -4.52 -24.33 16.87
N ILE C 39 -4.53 -23.07 17.30
CA ILE C 39 -4.41 -22.77 18.72
C ILE C 39 -5.72 -22.21 19.20
N VAL C 40 -6.23 -22.78 20.29
CA VAL C 40 -7.43 -22.30 20.92
C VAL C 40 -6.99 -21.74 22.25
N HIS C 41 -7.18 -20.43 22.44
CA HIS C 41 -6.65 -19.76 23.60
C HIS C 41 -7.41 -18.45 23.92
N ARG C 42 -6.99 -17.83 25.01
CA ARG C 42 -7.74 -16.80 25.67
C ARG C 42 -6.69 -15.88 26.29
N GLU C 43 -6.82 -14.57 26.02
CA GLU C 43 -5.84 -13.57 26.45
C GLU C 43 -6.50 -12.30 26.95
N PHE C 44 -5.94 -11.70 28.00
CA PHE C 44 -6.39 -10.41 28.51
C PHE C 44 -5.92 -9.27 27.60
N ILE C 45 -6.78 -8.29 27.34
CA ILE C 45 -6.38 -7.17 26.49
C ILE C 45 -6.05 -5.93 27.30
N ALA C 46 -7.09 -5.33 27.89
CA ALA C 46 -6.97 -4.02 28.55
C ALA C 46 -8.13 -3.80 29.51
N SER C 47 -8.09 -2.71 30.28
CA SER C 47 -9.17 -2.34 31.18
C SER C 47 -9.76 -1.05 30.66
N VAL C 48 -11.10 -0.97 30.57
CA VAL C 48 -11.74 0.22 30.02
C VAL C 48 -11.73 1.36 31.03
N LEU C 49 -10.99 2.42 30.73
CA LEU C 49 -10.86 3.55 31.65
C LEU C 49 -12.09 4.46 31.50
N PRO C 50 -12.54 5.06 32.61
CA PRO C 50 -13.74 5.87 32.48
C PRO C 50 -13.44 7.23 31.89
N SER C 51 -14.38 7.77 31.13
CA SER C 51 -14.26 9.13 30.62
C SER C 51 -15.65 9.73 30.38
N ASN C 52 -15.77 11.02 30.62
CA ASN C 52 -17.03 11.72 30.40
C ASN C 52 -17.31 11.87 28.91
N ASP C 53 -16.39 12.54 28.20
CA ASP C 53 -16.47 12.64 26.75
C ASP C 53 -16.18 11.29 26.16
N LEU C 54 -16.70 11.04 24.96
CA LEU C 54 -16.51 9.77 24.29
C LEU C 54 -15.03 9.56 23.93
N THR C 55 -14.41 8.53 24.48
CA THR C 55 -13.06 8.13 24.10
C THR C 55 -13.01 6.68 23.61
N VAL C 56 -12.21 6.43 22.58
CA VAL C 56 -12.00 5.06 22.16
C VAL C 56 -10.60 4.59 22.54
N ASN C 57 -10.48 3.29 22.82
CA ASN C 57 -9.20 2.64 23.11
C ASN C 57 -8.38 3.36 24.18
N ASN C 58 -9.04 3.71 25.30
CA ASN C 58 -8.39 4.44 26.38
C ASN C 58 -7.59 5.63 25.89
N GLY C 59 -8.05 6.26 24.83
CA GLY C 59 -7.47 7.51 24.38
C GLY C 59 -6.35 7.40 23.38
N ASP C 60 -6.03 6.17 22.95
CA ASP C 60 -4.96 5.93 21.97
C ASP C 60 -5.47 6.39 20.61
N VAL C 61 -4.74 7.28 19.95
CA VAL C 61 -5.26 7.82 18.68
C VAL C 61 -4.87 6.97 17.49
N ASN C 62 -3.98 6.01 17.72
CA ASN C 62 -3.53 5.12 16.63
C ASN C 62 -4.63 4.26 16.05
N ILE C 63 -4.95 4.50 14.78
CA ILE C 63 -5.88 3.64 14.04
C ILE C 63 -5.37 2.20 14.05
N GLY C 64 -6.27 1.25 14.30
CA GLY C 64 -5.91 -0.14 14.24
C GLY C 64 -5.00 -0.64 15.34
N LYS C 65 -5.02 0.02 16.51
CA LYS C 65 -4.26 -0.44 17.67
C LYS C 65 -4.54 -1.90 17.99
N TYR C 66 -5.81 -2.30 17.92
CA TYR C 66 -6.20 -3.68 18.17
C TYR C 66 -6.59 -4.36 16.86
N ARG C 67 -5.75 -4.15 15.85
CA ARG C 67 -5.93 -4.83 14.58
C ARG C 67 -5.81 -6.35 14.86
N VAL C 68 -6.67 -7.13 14.22
CA VAL C 68 -6.67 -8.56 14.45
C VAL C 68 -5.64 -9.22 13.55
N ASN C 69 -4.44 -9.41 14.11
CA ASN C 69 -3.34 -10.05 13.44
C ASN C 69 -2.47 -10.64 14.53
N PRO C 70 -2.10 -11.92 14.40
CA PRO C 70 -1.38 -12.56 15.50
C PRO C 70 -0.07 -11.87 15.87
N SER C 71 0.45 -11.03 14.99
CA SER C 71 1.74 -10.41 15.26
C SER C 71 1.60 -9.09 16.01
N ASN C 72 0.36 -8.71 16.32
CA ASN C 72 0.06 -7.51 17.08
C ASN C 72 -0.08 -7.76 18.58
N ASN C 73 0.99 -7.46 19.32
CA ASN C 73 1.03 -7.76 20.73
C ASN C 73 0.19 -6.83 21.59
N ALA C 74 -0.35 -5.78 20.97
CA ALA C 74 -1.35 -4.94 21.65
C ALA C 74 -2.64 -5.73 21.91
N LEU C 75 -2.92 -6.69 21.03
CA LEU C 75 -4.06 -7.57 21.17
C LEU C 75 -3.67 -8.94 21.71
N PHE C 76 -2.52 -9.46 21.29
CA PHE C 76 -2.13 -10.79 21.74
C PHE C 76 -0.78 -10.77 22.40
N THR C 77 -0.75 -10.75 23.73
CA THR C 77 0.51 -10.65 24.43
C THR C 77 1.33 -11.92 24.26
N TRP C 78 0.66 -13.05 24.10
CA TRP C 78 1.34 -14.32 23.98
C TRP C 78 1.39 -14.75 22.52
N LEU C 79 0.28 -14.59 21.79
CA LEU C 79 0.25 -15.07 20.41
C LEU C 79 1.32 -14.38 19.54
N GLN C 80 1.72 -13.16 19.92
CA GLN C 80 2.81 -12.50 19.24
C GLN C 80 4.02 -13.42 19.14
N GLY C 81 4.36 -14.06 20.25
CA GLY C 81 5.52 -14.95 20.29
C GLY C 81 5.35 -16.10 19.32
N GLN C 82 4.12 -16.58 19.19
CA GLN C 82 3.79 -17.70 18.34
C GLN C 82 3.80 -17.27 16.86
N ALA C 83 3.29 -16.07 16.59
CA ALA C 83 3.29 -15.48 15.24
C ALA C 83 4.66 -15.44 14.58
N GLN C 84 5.69 -15.13 15.37
CA GLN C 84 7.09 -15.10 14.94
C GLN C 84 7.46 -16.25 14.01
N LEU C 85 6.85 -17.41 14.26
CA LEU C 85 7.31 -18.68 13.71
C LEU C 85 6.67 -19.10 12.39
N TYR C 86 5.61 -18.41 11.98
CA TYR C 86 4.81 -18.80 10.81
C TYR C 86 4.56 -17.63 9.86
N ASP C 87 4.16 -17.94 8.64
CA ASP C 87 3.91 -16.94 7.62
C ASP C 87 2.48 -16.40 7.62
N MET C 88 1.53 -17.30 7.79
CA MET C 88 0.14 -16.97 7.55
C MET C 88 -0.78 -17.48 8.63
N TYR C 89 -1.93 -16.82 8.78
CA TYR C 89 -2.84 -17.16 9.85
C TYR C 89 -4.27 -17.07 9.36
N ARG C 90 -5.16 -17.75 10.08
CA ARG C 90 -6.60 -17.64 9.85
C ARG C 90 -7.34 -17.78 11.15
N PHE C 91 -8.13 -16.77 11.51
CA PHE C 91 -8.96 -16.91 12.70
C PHE C 91 -10.21 -17.71 12.38
N THR C 92 -10.57 -18.59 13.30
CA THR C 92 -11.65 -19.54 13.09
C THR C 92 -12.82 -19.22 13.99
N ARG C 93 -12.50 -18.93 15.25
CA ARG C 93 -13.46 -18.40 16.19
C ARG C 93 -12.81 -17.14 16.76
N LEU C 94 -13.61 -16.10 16.96
CA LEU C 94 -13.14 -14.87 17.57
C LEU C 94 -14.26 -14.24 18.40
N ARG C 95 -14.00 -14.01 19.69
CA ARG C 95 -14.96 -13.30 20.52
C ARG C 95 -14.25 -12.41 21.54
N PHE C 96 -14.90 -11.31 21.90
CA PHE C 96 -14.37 -10.38 22.89
C PHE C 96 -15.29 -10.31 24.08
N THR C 97 -14.72 -10.38 25.27
CA THR C 97 -15.52 -10.55 26.47
C THR C 97 -15.25 -9.41 27.43
N TYR C 98 -16.32 -8.85 27.99
CA TYR C 98 -16.19 -7.77 28.96
C TYR C 98 -16.63 -8.23 30.35
N ILE C 99 -15.73 -8.10 31.33
CA ILE C 99 -16.10 -8.38 32.71
C ILE C 99 -16.05 -7.09 33.50
N PRO C 100 -17.15 -6.73 34.16
CA PRO C 100 -17.12 -5.48 34.90
C PRO C 100 -16.25 -5.63 36.13
N THR C 101 -15.60 -4.55 36.54
CA THR C 101 -14.78 -4.55 37.75
C THR C 101 -15.22 -3.38 38.62
N THR C 102 -16.43 -2.88 38.35
CA THR C 102 -16.98 -1.75 39.07
C THR C 102 -18.41 -2.02 39.54
N GLY C 103 -18.83 -1.32 40.58
CA GLY C 103 -20.16 -1.51 41.13
C GLY C 103 -21.25 -0.96 40.23
N SER C 104 -22.48 -1.43 40.49
CA SER C 104 -23.67 -1.07 39.72
C SER C 104 -24.07 0.37 39.96
N THR C 105 -23.23 1.09 40.67
CA THR C 105 -23.45 2.50 40.96
C THR C 105 -22.82 3.37 39.89
N SER C 106 -21.90 2.79 39.12
CA SER C 106 -21.09 3.52 38.15
C SER C 106 -21.88 3.85 36.90
N THR C 107 -21.74 5.07 36.41
CA THR C 107 -22.46 5.47 35.20
C THR C 107 -21.62 5.25 33.96
N GLY C 108 -22.26 5.30 32.80
CA GLY C 108 -21.55 5.26 31.52
C GLY C 108 -22.02 4.23 30.52
N ARG C 109 -21.39 4.25 29.36
CA ARG C 109 -21.62 3.25 28.33
C ARG C 109 -20.29 2.61 28.02
N VAL C 110 -20.29 1.29 27.87
CA VAL C 110 -19.13 0.60 27.36
C VAL C 110 -19.56 -0.08 26.09
N SER C 111 -18.85 0.22 25.00
CA SER C 111 -19.12 -0.36 23.71
C SER C 111 -17.93 -1.15 23.23
N ILE C 112 -18.19 -2.40 22.87
CA ILE C 112 -17.14 -3.22 22.30
C ILE C 112 -17.48 -3.47 20.84
N LEU C 113 -16.56 -3.09 19.97
CA LEU C 113 -16.79 -3.03 18.54
C LEU C 113 -15.75 -3.79 17.73
N TRP C 114 -16.15 -4.21 16.53
CA TRP C 114 -15.22 -4.73 15.56
C TRP C 114 -15.53 -4.19 14.17
N ASP C 115 -14.49 -3.65 13.54
CA ASP C 115 -14.56 -3.02 12.24
C ASP C 115 -13.78 -3.89 11.28
N ARG C 116 -14.44 -4.37 10.23
CA ARG C 116 -13.81 -5.29 9.27
C ARG C 116 -12.59 -4.69 8.57
N ASP C 117 -12.54 -3.37 8.50
CA ASP C 117 -11.44 -2.64 7.89
C ASP C 117 -10.51 -2.13 8.99
N SER C 118 -9.31 -2.67 9.07
CA SER C 118 -8.42 -2.32 10.19
C SER C 118 -7.76 -0.94 10.02
N GLN C 119 -8.02 -0.29 8.91
CA GLN C 119 -7.43 1.01 8.68
C GLN C 119 -8.43 2.16 8.82
N ASP C 120 -9.69 1.82 9.09
CA ASP C 120 -10.74 2.83 9.29
C ASP C 120 -10.46 3.75 10.48
N PRO C 121 -10.85 5.03 10.36
CA PRO C 121 -10.58 6.00 11.42
C PRO C 121 -11.37 5.68 12.67
N LEU C 122 -10.89 6.13 13.82
CA LEU C 122 -11.61 5.91 15.06
C LEU C 122 -12.87 6.79 15.11
N PRO C 123 -13.99 6.25 15.65
CA PRO C 123 -15.20 7.03 15.72
C PRO C 123 -15.08 8.03 16.85
N ILE C 124 -15.84 9.13 16.80
CA ILE C 124 -15.79 10.12 17.89
C ILE C 124 -17.16 10.49 18.48
N ASP C 125 -18.23 10.07 17.83
CA ASP C 125 -19.57 10.49 18.25
C ASP C 125 -20.46 9.30 18.56
N ARG C 126 -21.52 9.55 19.32
CA ARG C 126 -22.40 8.47 19.81
C ARG C 126 -23.16 7.76 18.69
N ALA C 127 -23.43 8.46 17.60
CA ALA C 127 -24.12 7.84 16.48
C ALA C 127 -23.19 6.83 15.82
N ALA C 128 -21.92 7.20 15.71
CA ALA C 128 -20.95 6.37 15.03
C ALA C 128 -20.77 5.06 15.78
N ILE C 129 -20.46 5.14 17.07
CA ILE C 129 -20.16 3.91 17.80
C ILE C 129 -21.35 2.97 17.81
N SER C 130 -22.54 3.52 17.64
CA SER C 130 -23.73 2.70 17.70
C SER C 130 -24.02 2.05 16.35
N SER C 131 -23.35 2.51 15.31
CA SER C 131 -23.68 2.13 13.94
C SER C 131 -22.85 1.00 13.36
N TYR C 132 -21.85 0.53 14.12
CA TYR C 132 -21.06 -0.61 13.67
C TYR C 132 -21.93 -1.85 13.58
N ALA C 133 -21.79 -2.62 12.50
CA ALA C 133 -22.53 -3.86 12.36
C ALA C 133 -22.22 -4.81 13.52
N HIS C 134 -20.95 -4.93 13.86
CA HIS C 134 -20.53 -5.83 14.92
C HIS C 134 -20.22 -5.04 16.17
N TYR C 135 -21.22 -4.97 17.05
CA TYR C 135 -21.20 -4.09 18.21
C TYR C 135 -21.74 -4.86 19.40
N ALA C 136 -21.42 -4.38 20.60
CA ALA C 136 -22.09 -4.84 21.83
C ALA C 136 -21.99 -3.74 22.88
N ASP C 137 -23.15 -3.28 23.37
CA ASP C 137 -23.20 -2.16 24.30
C ASP C 137 -23.71 -2.62 25.65
N SER C 138 -23.15 -2.07 26.73
CA SER C 138 -23.71 -2.31 28.06
C SER C 138 -23.39 -1.17 29.00
N ALA C 139 -24.07 -1.15 30.15
CA ALA C 139 -23.63 -0.34 31.28
C ALA C 139 -22.28 -0.88 31.74
N PRO C 140 -21.46 -0.03 32.40
CA PRO C 140 -20.10 -0.44 32.72
C PRO C 140 -20.07 -1.50 33.79
N TRP C 141 -21.17 -1.65 34.52
CA TRP C 141 -21.26 -2.62 35.60
C TRP C 141 -21.85 -3.97 35.19
N ALA C 142 -22.16 -4.11 33.91
CA ALA C 142 -22.77 -5.33 33.35
C ALA C 142 -21.78 -6.13 32.53
N GLU C 143 -21.98 -7.45 32.46
CA GLU C 143 -21.19 -8.28 31.54
C GLU C 143 -21.60 -8.04 30.09
N ASN C 144 -20.66 -8.26 29.17
CA ASN C 144 -20.95 -8.14 27.74
C ASN C 144 -20.07 -9.07 26.90
N VAL C 145 -20.48 -9.32 25.66
CA VAL C 145 -19.70 -10.17 24.78
C VAL C 145 -19.97 -9.76 23.36
N LEU C 146 -18.93 -9.79 22.53
CA LEU C 146 -19.09 -9.55 21.09
C LEU C 146 -18.50 -10.73 20.34
N VAL C 147 -19.34 -11.43 19.56
CA VAL C 147 -18.85 -12.54 18.73
C VAL C 147 -18.64 -12.08 17.29
N VAL C 148 -17.40 -12.13 16.82
CA VAL C 148 -17.08 -11.82 15.43
C VAL C 148 -17.09 -13.09 14.58
N PRO C 149 -17.99 -13.17 13.59
CA PRO C 149 -17.99 -14.33 12.69
C PRO C 149 -16.81 -14.27 11.74
N CYS C 150 -16.02 -15.34 11.74
CA CYS C 150 -14.78 -15.39 11.00
C CYS C 150 -15.01 -15.82 9.56
N ASP C 151 -14.06 -15.50 8.69
CA ASP C 151 -14.09 -16.01 7.32
C ASP C 151 -13.00 -17.07 7.12
N ASN C 152 -12.82 -17.54 5.90
CA ASN C 152 -11.76 -18.53 5.68
C ASN C 152 -10.67 -18.09 4.72
N THR C 153 -10.38 -16.79 4.75
CA THR C 153 -9.24 -16.23 4.04
C THR C 153 -7.99 -16.35 4.92
N TRP C 154 -6.92 -16.88 4.33
CA TRP C 154 -5.62 -16.83 4.98
C TRP C 154 -5.02 -15.44 4.77
N ARG C 155 -4.32 -14.93 5.78
CA ARG C 155 -3.61 -13.65 5.67
C ARG C 155 -2.18 -13.80 6.14
N TYR C 156 -1.30 -12.90 5.71
CA TYR C 156 0.09 -12.88 6.16
C TYR C 156 0.18 -12.18 7.52
N MET C 157 1.00 -12.69 8.44
CA MET C 157 1.34 -11.88 9.61
C MET C 157 2.09 -10.72 9.00
N ASN C 158 1.74 -9.48 9.31
CA ASN C 158 2.54 -8.44 8.68
C ASN C 158 3.82 -8.20 9.45
N ASP C 159 4.86 -8.83 8.92
CA ASP C 159 6.20 -8.77 9.46
C ASP C 159 7.11 -8.01 8.50
N THR C 160 6.51 -7.45 7.44
CA THR C 160 7.23 -6.62 6.47
C THR C 160 6.54 -5.26 6.35
N ASN C 161 5.82 -4.88 7.41
CA ASN C 161 5.13 -3.60 7.48
C ASN C 161 4.35 -3.26 6.21
N ALA C 162 3.30 -4.04 5.93
CA ALA C 162 2.41 -3.78 4.82
C ALA C 162 1.82 -2.41 4.99
N VAL C 163 1.72 -1.67 3.89
CA VAL C 163 1.22 -0.31 3.93
C VAL C 163 -0.30 -0.30 4.00
N ASP C 164 -0.94 -1.18 3.23
CA ASP C 164 -2.38 -1.34 3.27
C ASP C 164 -2.74 -2.45 4.24
N ARG C 165 -2.57 -2.18 5.53
CA ARG C 165 -2.79 -3.18 6.57
C ARG C 165 -4.11 -3.94 6.44
N LYS C 166 -5.16 -3.27 5.96
CA LYS C 166 -6.48 -3.91 5.92
C LYS C 166 -6.45 -5.27 5.19
N LEU C 167 -5.48 -5.45 4.31
CA LEU C 167 -5.41 -6.65 3.48
C LEU C 167 -4.63 -7.76 4.15
N VAL C 168 -4.01 -7.45 5.30
CA VAL C 168 -3.28 -8.45 6.09
C VAL C 168 -3.86 -8.64 7.48
N ASP C 169 -4.79 -7.77 7.87
CA ASP C 169 -5.42 -7.88 9.18
C ASP C 169 -6.84 -8.37 8.98
N PHE C 170 -7.39 -9.06 9.98
CA PHE C 170 -8.80 -9.43 10.01
C PHE C 170 -9.60 -8.36 10.75
N GLY C 171 -9.58 -7.14 10.21
CA GLY C 171 -10.25 -6.01 10.84
C GLY C 171 -9.55 -5.54 12.09
N GLN C 172 -10.28 -4.77 12.90
CA GLN C 172 -9.74 -4.27 14.14
C GLN C 172 -10.78 -4.30 15.23
N PHE C 173 -10.37 -4.77 16.40
CA PHE C 173 -11.14 -4.57 17.62
C PHE C 173 -10.98 -3.13 18.07
N LEU C 174 -12.03 -2.60 18.68
CA LEU C 174 -11.94 -1.31 19.35
C LEU C 174 -13.05 -1.22 20.39
N PHE C 175 -12.83 -0.41 21.41
CA PHE C 175 -13.84 -0.21 22.43
C PHE C 175 -13.98 1.28 22.69
N ALA C 176 -15.17 1.71 23.08
CA ALA C 176 -15.43 3.12 23.32
C ALA C 176 -16.19 3.27 24.62
N THR C 177 -16.15 4.46 25.21
CA THR C 177 -16.87 4.69 26.45
C THR C 177 -17.23 6.17 26.63
N TYR C 178 -18.34 6.43 27.33
CA TYR C 178 -18.72 7.81 27.68
C TYR C 178 -19.58 7.91 28.93
N SER C 179 -19.74 9.14 29.43
CA SER C 179 -20.56 9.44 30.62
C SER C 179 -20.12 8.63 31.83
N GLY C 180 -18.82 8.44 31.98
CA GLY C 180 -18.27 7.79 33.17
C GLY C 180 -17.60 8.80 34.08
N ALA C 181 -17.31 8.39 35.30
CA ALA C 181 -16.62 9.25 36.26
C ALA C 181 -15.66 8.44 37.13
N GLY C 182 -14.74 9.14 37.79
CA GLY C 182 -13.86 8.49 38.77
C GLY C 182 -12.53 8.08 38.16
N ALA C 183 -11.67 7.58 39.03
CA ALA C 183 -10.29 7.28 38.65
C ALA C 183 -10.13 5.83 38.18
N THR C 184 -10.97 4.93 38.71
CA THR C 184 -10.81 3.48 38.48
C THR C 184 -11.53 2.95 37.22
N ALA C 185 -11.01 1.87 36.65
CA ALA C 185 -11.55 1.28 35.43
C ALA C 185 -12.95 0.73 35.60
N HIS C 186 -13.67 0.64 34.48
CA HIS C 186 -14.99 0.06 34.47
C HIS C 186 -14.96 -1.47 34.52
N GLY C 187 -14.10 -2.08 33.71
CA GLY C 187 -14.05 -3.52 33.59
C GLY C 187 -12.94 -3.95 32.66
N ASP C 188 -12.81 -5.26 32.45
CA ASP C 188 -11.73 -5.86 31.71
C ASP C 188 -12.18 -6.46 30.40
N LEU C 189 -11.28 -6.42 29.41
CA LEU C 189 -11.52 -6.95 28.08
C LEU C 189 -10.63 -8.15 27.78
N TYR C 190 -11.24 -9.23 27.33
CA TYR C 190 -10.52 -10.44 26.92
C TYR C 190 -10.82 -10.78 25.46
N VAL C 191 -9.85 -11.40 24.79
CA VAL C 191 -10.06 -11.96 23.47
C VAL C 191 -9.98 -13.48 23.60
N GLU C 192 -10.90 -14.16 22.94
CA GLU C 192 -10.93 -15.61 22.96
C GLU C 192 -10.97 -16.03 21.52
N TYR C 193 -10.09 -16.94 21.14
CA TYR C 193 -9.91 -17.21 19.73
C TYR C 193 -9.57 -18.66 19.43
N ALA C 194 -9.77 -19.01 18.17
CA ALA C 194 -9.22 -20.22 17.60
C ALA C 194 -8.53 -19.75 16.34
N VAL C 195 -7.24 -20.04 16.24
CA VAL C 195 -6.46 -19.50 15.13
C VAL C 195 -5.56 -20.57 14.52
N GLU C 196 -5.55 -20.62 13.19
CA GLU C 196 -4.70 -21.55 12.46
C GLU C 196 -3.49 -20.80 11.97
N PHE C 197 -2.32 -21.48 11.97
CA PHE C 197 -1.10 -20.96 11.38
C PHE C 197 -0.69 -21.85 10.24
N LYS C 198 -0.21 -21.26 9.15
CA LYS C 198 0.03 -22.04 7.95
C LYS C 198 1.47 -22.48 7.78
N ASP C 199 2.38 -21.52 7.54
CA ASP C 199 3.71 -21.91 7.05
C ASP C 199 4.85 -21.58 7.99
N PRO C 200 5.53 -22.61 8.51
CA PRO C 200 6.72 -22.46 9.34
C PRO C 200 7.75 -21.60 8.62
N GLN C 201 8.45 -20.76 9.39
CA GLN C 201 9.44 -19.86 8.84
C GLN C 201 10.45 -19.49 9.92
N PRO C 202 11.61 -18.92 9.52
CA PRO C 202 12.54 -18.39 10.50
C PRO C 202 11.85 -17.34 11.34
N ILE C 203 12.20 -17.22 12.61
CA ILE C 203 11.63 -16.18 13.48
C ILE C 203 11.63 -14.81 12.79
N ALA C 204 10.49 -14.13 12.81
CA ALA C 204 10.30 -12.85 12.13
C ALA C 204 11.16 -11.71 12.69
N GLY C 205 11.35 -11.72 14.01
CA GLY C 205 12.13 -10.71 14.69
C GLY C 205 11.25 -9.88 15.62
N MET C 206 11.77 -9.55 16.80
CA MET C 206 11.04 -8.82 17.81
C MET C 206 11.34 -7.32 17.84
N VAL C 207 12.16 -6.87 16.89
CA VAL C 207 12.69 -5.50 16.93
C VAL C 207 11.86 -4.56 16.08
N CYS C 208 11.73 -3.34 16.56
CA CYS C 208 11.14 -2.24 15.80
C CYS C 208 12.22 -1.20 15.55
N MET C 209 12.30 -0.72 14.31
CA MET C 209 13.26 0.32 13.96
C MET C 209 12.55 1.55 13.43
N PHE C 210 12.81 2.69 14.06
CA PHE C 210 12.18 3.95 13.70
C PHE C 210 13.25 4.93 13.23
N ASP C 211 12.94 5.64 12.15
CA ASP C 211 13.89 6.57 11.56
C ASP C 211 13.14 7.79 11.02
N ARG C 212 13.46 8.96 11.56
CA ARG C 212 12.88 10.22 11.08
C ARG C 212 13.94 11.24 10.69
N LEU C 213 13.85 11.72 9.45
CA LEU C 213 14.66 12.84 8.99
C LEU C 213 13.98 14.14 9.44
N VAL C 214 14.25 14.55 10.67
CA VAL C 214 13.66 15.75 11.24
C VAL C 214 13.99 17.01 10.42
N SER C 215 15.17 17.02 9.82
CA SER C 215 15.60 18.11 8.95
C SER C 215 14.69 18.23 7.73
N PHE C 216 14.08 17.13 7.31
CA PHE C 216 13.09 17.16 6.25
C PHE C 216 11.74 17.63 6.78
N SER C 217 11.29 17.07 7.89
CA SER C 217 9.97 17.36 8.46
C SER C 217 9.89 16.79 9.86
N GLU C 218 9.13 17.46 10.71
CA GLU C 218 9.01 17.05 12.12
C GLU C 218 8.02 15.88 12.28
N VAL C 219 7.49 15.43 11.15
CA VAL C 219 6.40 14.48 11.09
C VAL C 219 6.75 13.52 9.95
N GLY C 220 6.20 12.30 9.97
CA GLY C 220 6.59 11.25 9.01
C GLY C 220 7.85 10.51 9.46
N SER C 221 8.04 9.30 8.92
CA SER C 221 9.16 8.46 9.33
C SER C 221 9.21 7.17 8.52
N THR C 222 10.30 6.43 8.65
CA THR C 222 10.31 5.04 8.23
C THR C 222 10.25 4.13 9.46
N ILE C 223 9.27 3.23 9.49
CA ILE C 223 9.20 2.23 10.56
C ILE C 223 9.27 0.83 9.98
N LYS C 224 10.25 0.05 10.42
CA LYS C 224 10.38 -1.34 9.97
C LYS C 224 10.26 -2.26 11.18
N GLY C 225 9.88 -3.51 10.95
CA GLY C 225 9.80 -4.49 12.03
C GLY C 225 8.49 -4.42 12.81
N VAL C 226 8.50 -4.95 14.03
CA VAL C 226 7.30 -4.95 14.88
C VAL C 226 6.74 -3.54 15.08
N ASN C 227 5.44 -3.40 15.02
CA ASN C 227 4.83 -2.07 15.13
C ASN C 227 4.43 -1.69 16.56
N TYR C 228 5.43 -1.47 17.43
CA TYR C 228 5.16 -1.06 18.83
C TYR C 228 4.72 0.39 18.88
N ILE C 229 5.23 1.18 17.94
CA ILE C 229 4.86 2.59 17.82
C ILE C 229 4.40 2.90 16.40
N ALA C 230 3.66 3.99 16.27
CA ALA C 230 3.34 4.53 14.96
C ALA C 230 4.03 5.87 14.90
N ASP C 231 4.04 6.48 13.71
CA ASP C 231 4.65 7.80 13.52
C ASP C 231 4.26 8.82 14.61
N ARG C 232 2.97 9.04 14.81
CA ARG C 232 2.52 10.08 15.75
C ARG C 232 2.97 9.84 17.20
N ASP C 233 3.47 8.65 17.49
CA ASP C 233 3.92 8.30 18.82
C ASP C 233 5.28 8.92 19.14
N VAL C 234 6.02 9.30 18.10
CA VAL C 234 7.30 9.97 18.28
C VAL C 234 7.13 11.43 17.95
N ILE C 235 7.23 12.25 18.98
CA ILE C 235 7.09 13.70 18.86
C ILE C 235 8.47 14.34 18.82
N THR C 236 8.76 15.10 17.76
CA THR C 236 10.02 15.83 17.64
C THR C 236 9.72 17.27 17.29
N THR C 237 9.61 18.12 18.30
CA THR C 237 9.29 19.53 18.11
C THR C 237 9.66 20.43 19.30
N GLY C 238 9.97 21.68 19.00
CA GLY C 238 10.17 22.73 20.03
C GLY C 238 11.24 22.42 21.06
N GLY C 239 12.33 21.80 20.61
CA GLY C 239 13.42 21.43 21.49
C GLY C 239 13.11 20.27 22.42
N ASN C 240 12.11 19.46 22.07
CA ASN C 240 11.79 18.23 22.82
C ASN C 240 11.65 17.03 21.90
N ILE C 241 12.04 15.87 22.40
CA ILE C 241 11.71 14.60 21.75
C ILE C 241 10.92 13.77 22.75
N GLY C 242 9.76 13.29 22.31
CA GLY C 242 8.92 12.45 23.15
C GLY C 242 8.57 11.18 22.42
N VAL C 243 8.75 10.05 23.09
CA VAL C 243 8.43 8.75 22.49
C VAL C 243 7.37 8.06 23.33
N ASN C 244 6.28 7.71 22.68
CA ASN C 244 5.15 7.09 23.35
C ASN C 244 4.98 5.65 22.97
N ILE C 245 5.35 4.76 23.88
CA ILE C 245 5.13 3.33 23.73
C ILE C 245 3.79 3.00 24.38
N ASN C 246 2.73 3.05 23.58
CA ASN C 246 1.40 2.90 24.15
C ASN C 246 0.86 1.52 23.97
N ILE C 247 1.70 0.54 24.30
CA ILE C 247 1.35 -0.87 24.33
C ILE C 247 2.09 -1.35 25.56
N PRO C 248 1.40 -2.11 26.44
CA PRO C 248 2.06 -2.46 27.71
C PRO C 248 3.26 -3.38 27.53
N GLY C 249 4.10 -3.47 28.55
CA GLY C 249 5.19 -4.43 28.55
C GLY C 249 6.54 -3.81 28.82
N THR C 250 7.57 -4.60 28.60
CA THR C 250 8.95 -4.20 28.82
C THR C 250 9.69 -4.07 27.48
N TYR C 251 10.39 -2.96 27.30
CA TYR C 251 11.05 -2.69 26.03
C TYR C 251 12.51 -2.22 26.19
N LEU C 252 13.41 -2.78 25.38
CA LEU C 252 14.76 -2.27 25.21
C LEU C 252 14.74 -1.17 24.15
N VAL C 253 15.30 -0.01 24.50
CA VAL C 253 15.37 1.11 23.57
C VAL C 253 16.82 1.52 23.35
N THR C 254 17.20 1.73 22.09
CA THR C 254 18.43 2.47 21.79
C THR C 254 18.02 3.61 20.89
N ILE C 255 18.26 4.85 21.32
CA ILE C 255 17.89 6.01 20.52
C ILE C 255 19.14 6.83 20.21
N VAL C 256 19.36 7.11 18.93
CA VAL C 256 20.52 7.87 18.50
C VAL C 256 20.05 9.14 17.81
N LEU C 257 20.42 10.28 18.40
CA LEU C 257 19.98 11.59 17.93
C LEU C 257 21.10 12.36 17.22
N ASN C 258 20.82 12.80 16.00
CA ASN C 258 21.67 13.78 15.33
C ASN C 258 21.19 15.18 15.72
N ALA C 259 21.92 15.78 16.65
CA ALA C 259 21.57 17.09 17.20
C ALA C 259 22.78 17.62 17.93
N THR C 260 22.92 18.94 17.89
CA THR C 260 24.06 19.63 18.50
C THR C 260 24.21 19.32 19.99
N SER C 261 23.12 19.44 20.73
CA SER C 261 23.17 19.14 22.16
C SER C 261 21.81 18.63 22.64
N ILE C 262 21.80 17.90 23.75
CA ILE C 262 20.53 17.47 24.37
C ILE C 262 20.56 17.68 25.87
N GLY C 263 19.38 17.76 26.48
CA GLY C 263 19.30 17.92 27.92
C GLY C 263 19.08 16.59 28.64
N SER C 264 18.08 16.59 29.53
CA SER C 264 17.78 15.43 30.37
C SER C 264 16.87 14.40 29.71
N LEU C 265 17.10 13.13 30.06
CA LEU C 265 16.18 12.02 29.73
C LEU C 265 15.20 11.89 30.88
N THR C 266 13.92 12.09 30.62
CA THR C 266 12.93 12.00 31.70
C THR C 266 11.91 10.89 31.48
N PHE C 267 11.47 10.28 32.57
CA PHE C 267 10.43 9.26 32.52
C PHE C 267 9.23 9.74 33.32
N THR C 268 8.34 10.43 32.63
CA THR C 268 7.42 11.32 33.30
C THR C 268 5.95 11.01 32.97
N GLY C 269 5.75 9.94 32.19
CA GLY C 269 4.44 9.50 31.74
C GLY C 269 4.11 8.05 32.09
N ASN C 270 3.77 7.24 31.09
CA ASN C 270 3.31 5.87 31.32
C ASN C 270 4.38 4.79 31.55
N SER C 271 5.65 5.19 31.60
CA SER C 271 6.72 4.21 31.72
C SER C 271 7.68 4.48 32.87
N LYS C 272 8.32 3.41 33.34
CA LYS C 272 9.38 3.53 34.35
C LYS C 272 10.66 2.94 33.82
N LEU C 273 11.77 3.62 34.10
CA LEU C 273 13.07 3.10 33.75
C LEU C 273 13.38 1.85 34.57
N VAL C 274 13.97 0.86 33.94
CA VAL C 274 14.36 -0.35 34.65
C VAL C 274 15.88 -0.39 34.71
N GLY C 275 16.40 -0.51 35.93
CA GLY C 275 17.84 -0.47 36.15
C GLY C 275 18.39 0.86 35.66
N ASN C 276 19.55 0.79 35.01
CA ASN C 276 20.25 1.99 34.65
C ASN C 276 20.10 2.38 33.20
N SER C 277 20.09 3.69 32.98
CA SER C 277 19.99 4.27 31.67
C SER C 277 21.37 4.72 31.21
N LEU C 278 21.78 4.31 30.01
CA LEU C 278 23.13 4.61 29.52
C LEU C 278 23.14 5.72 28.48
N ASN C 279 23.77 6.84 28.83
CA ASN C 279 23.68 8.06 28.02
C ASN C 279 25.04 8.52 27.57
N VAL C 280 25.19 8.79 26.28
CA VAL C 280 26.43 9.30 25.72
C VAL C 280 26.10 10.50 24.84
N THR C 281 26.61 11.67 25.24
CA THR C 281 26.36 12.92 24.50
C THR C 281 27.65 13.45 23.92
N SER C 282 27.60 13.92 22.68
CA SER C 282 28.74 14.62 22.07
C SER C 282 28.23 15.83 21.30
N SER C 283 29.15 16.60 20.73
CA SER C 283 28.74 17.72 19.92
C SER C 283 28.24 17.16 18.59
N GLY C 284 26.96 17.29 18.33
CA GLY C 284 26.39 16.87 17.04
C GLY C 284 25.66 15.54 17.05
N ALA C 285 25.88 14.73 18.09
CA ALA C 285 25.27 13.40 18.18
C ALA C 285 25.17 12.87 19.61
N SER C 286 24.03 12.29 19.94
CA SER C 286 23.81 11.68 21.24
C SER C 286 23.21 10.28 21.10
N ALA C 287 23.49 9.41 22.08
CA ALA C 287 22.92 8.07 22.10
C ALA C 287 22.46 7.70 23.51
N LEU C 288 21.26 7.12 23.60
CA LEU C 288 20.75 6.62 24.88
C LEU C 288 20.25 5.18 24.73
N THR C 289 20.62 4.32 25.68
CA THR C 289 20.05 2.97 25.78
C THR C 289 19.56 2.71 27.17
N PHE C 290 18.42 2.05 27.27
CA PHE C 290 17.80 1.73 28.54
C PHE C 290 16.64 0.78 28.23
N THR C 291 16.14 0.10 29.25
CA THR C 291 14.94 -0.69 29.06
C THR C 291 13.87 -0.17 30.02
N LEU C 292 12.64 -0.04 29.53
CA LEU C 292 11.53 0.50 30.34
C LEU C 292 10.36 -0.47 30.48
N ASN C 293 9.54 -0.25 31.50
CA ASN C 293 8.24 -0.93 31.61
C ASN C 293 7.17 0.10 31.31
N SER C 294 6.26 -0.23 30.40
CA SER C 294 5.19 0.71 30.05
C SER C 294 3.85 0.13 30.42
N THR C 295 2.97 0.96 30.96
CA THR C 295 1.62 0.53 31.28
C THR C 295 0.82 0.53 29.98
N GLY C 296 1.36 1.25 29.01
CA GLY C 296 0.80 1.28 27.68
C GLY C 296 -0.41 2.17 27.56
N VAL C 297 -0.88 2.74 28.67
CA VAL C 297 -2.03 3.64 28.58
C VAL C 297 -1.56 4.99 28.09
N PRO C 298 -2.16 5.48 27.00
CA PRO C 298 -1.68 6.72 26.38
C PRO C 298 -1.82 7.96 27.27
N ASN C 299 -0.82 8.84 27.20
CA ASN C 299 -0.81 10.10 27.90
C ASN C 299 -0.64 11.28 26.91
N SER C 300 -1.58 12.22 26.96
CA SER C 300 -1.59 13.42 26.11
C SER C 300 -0.36 14.32 26.22
N SER C 301 0.13 14.52 27.44
CA SER C 301 1.12 15.56 27.73
C SER C 301 2.48 15.06 28.22
N ASN C 302 2.57 13.79 28.56
CA ASN C 302 3.82 13.23 29.08
C ASN C 302 4.13 11.91 28.39
N SER C 303 5.17 11.92 27.56
CA SER C 303 5.56 10.73 26.83
C SER C 303 6.15 9.64 27.72
N SER C 304 6.21 8.42 27.17
CA SER C 304 6.79 7.25 27.85
C SER C 304 8.17 7.62 28.34
N PHE C 305 8.99 8.15 27.42
CA PHE C 305 10.22 8.86 27.77
C PHE C 305 10.40 10.10 26.90
N SER C 306 11.04 11.13 27.46
CA SER C 306 11.29 12.37 26.73
C SER C 306 12.77 12.76 26.81
N VAL C 307 13.23 13.47 25.79
CA VAL C 307 14.53 14.10 25.86
C VAL C 307 14.30 15.59 25.72
N GLY C 308 14.75 16.34 26.72
CA GLY C 308 14.49 17.77 26.83
C GLY C 308 15.60 18.65 26.28
N THR C 309 15.27 19.93 26.07
CA THR C 309 16.25 20.94 25.67
C THR C 309 17.21 20.40 24.59
N VAL C 310 16.63 19.99 23.46
CA VAL C 310 17.44 19.46 22.35
C VAL C 310 17.61 20.51 21.24
N VAL C 311 18.86 20.66 20.78
CA VAL C 311 19.22 21.75 19.87
C VAL C 311 19.54 21.27 18.46
N ALA C 312 18.88 21.88 17.48
CA ALA C 312 19.09 21.59 16.05
C ALA C 312 18.99 20.09 15.79
N LEU C 313 17.81 19.54 16.10
CA LEU C 313 17.56 18.13 15.91
C LEU C 313 17.37 17.86 14.44
N THR C 314 18.24 17.01 13.90
CA THR C 314 18.30 16.72 12.47
C THR C 314 17.73 15.36 12.12
N ARG C 315 17.94 14.41 13.04
CA ARG C 315 17.62 13.03 12.78
C ARG C 315 17.39 12.21 14.07
N VAL C 316 16.36 11.36 14.04
CA VAL C 316 16.13 10.37 15.07
C VAL C 316 16.17 8.98 14.43
N ARG C 317 17.08 8.14 14.91
CA ARG C 317 17.07 6.72 14.59
C ARG C 317 16.98 5.99 15.89
N MET C 318 16.05 5.06 15.97
CA MET C 318 15.78 4.37 17.21
C MET C 318 15.41 2.92 16.98
N THR C 319 15.68 2.11 17.99
CA THR C 319 15.43 0.70 17.94
C THR C 319 14.65 0.34 19.21
N ILE C 320 13.50 -0.31 19.05
CA ILE C 320 12.66 -0.72 20.19
C ILE C 320 12.35 -2.21 20.14
N THR C 321 12.60 -2.93 21.23
CA THR C 321 12.41 -4.37 21.27
C THR C 321 11.71 -4.80 22.54
N ARG C 322 10.59 -5.52 22.40
CA ARG C 322 9.94 -6.11 23.55
C ARG C 322 10.87 -7.14 24.17
N CYS C 323 10.99 -7.11 25.49
CA CYS C 323 11.93 -7.98 26.17
C CYS C 323 11.58 -8.26 27.63
N SER C 324 12.54 -8.82 28.35
CA SER C 324 12.42 -9.13 29.77
C SER C 324 13.09 -8.02 30.55
N PRO C 325 12.53 -7.64 31.72
CA PRO C 325 13.25 -6.71 32.59
C PRO C 325 14.60 -7.26 33.10
N GLU C 326 14.81 -8.57 33.01
CA GLU C 326 16.04 -9.18 33.52
C GLU C 326 17.29 -8.66 32.82
N THR C 327 17.07 -8.05 31.68
CA THR C 327 18.09 -7.74 30.72
C THR C 327 18.49 -6.24 30.81
N ALA C 328 17.89 -5.55 31.79
CA ALA C 328 18.16 -4.14 32.06
C ALA C 328 19.65 -3.91 32.33
N TYR C 329 20.11 -2.69 32.09
CA TYR C 329 21.51 -2.37 32.34
C TYR C 329 21.81 -2.16 33.82
N LEU C 330 23.03 -2.48 34.21
CA LEU C 330 23.44 -2.35 35.60
C LEU C 330 24.06 -0.99 35.95
N ALA C 331 23.96 -0.60 37.21
CA ALA C 331 24.47 0.71 37.71
C ALA C 331 25.97 0.94 37.51
CA CA D . -15.87 0.55 9.22
UNK UNX E . -29.51 6.83 -39.30
CA CA F . -4.79 -3.90 -18.29
CA CA G . 6.35 -13.31 6.56
CA CA H . 8.66 -16.47 5.36
#